data_7PFP
#
_entry.id   7PFP
#
_cell.length_a   1.00
_cell.length_b   1.00
_cell.length_c   1.00
_cell.angle_alpha   90.00
_cell.angle_beta   90.00
_cell.angle_gamma   90.00
#
_symmetry.space_group_name_H-M   'P 1'
#
loop_
_entity.id
_entity.type
_entity.pdbx_description
1 polymer Uromodulin
2 branched 2-acetamido-2-deoxy-beta-D-glucopyranose-(1-4)-[alpha-L-fucopyranose-(1-6)]2-acetamido-2-deoxy-beta-D-glucopyranose
3 branched beta-D-mannopyranose-(1-4)-2-acetamido-2-deoxy-beta-D-glucopyranose-(1-4)-2-acetamido-2-deoxy-beta-D-glucopyranose
4 branched beta-D-galactopyranose-(1-4)-2-acetamido-2-deoxy-beta-D-glucopyranose-(1-2)-alpha-D-mannopyranose-(1-3)-[beta-D-galactopyranose-(1-4)-2-acetamido-2-deoxy-beta-D-glucopyranose-(1-2)-alpha-D-mannopyranose-(1-6)]beta-D-mannopyranose-(1-4)-2-acetamido-2-deoxy-beta-D-glucopyranose-(1-4)-2-acetamido-2-deoxy-beta-D-glucopyranose
5 branched alpha-D-mannopyranose-(1-2)-alpha-D-mannopyranose-(1-3)-[alpha-D-mannopyranose-(1-3)-[alpha-D-mannopyranose-(1-6)]alpha-D-mannopyranose-(1-6)]beta-D-mannopyranose-(1-4)-2-acetamido-2-deoxy-beta-D-glucopyranose-(1-4)-2-acetamido-2-deoxy-beta-D-glucopyranose
6 branched beta-D-mannopyranose-(1-4)-2-acetamido-2-deoxy-beta-D-glucopyranose-(1-4)-[alpha-L-fucopyranose-(1-6)]2-acetamido-2-deoxy-beta-D-glucopyranose
7 branched beta-D-galactopyranose-(1-4)-2-acetamido-2-deoxy-beta-D-glucopyranose-(1-2)-[2-acetamido-2-deoxy-beta-D-glucopyranose-(1-4)]alpha-D-mannopyranose-(1-3)-[2-acetamido-2-deoxy-beta-D-glucopyranose-(1-2)-alpha-D-mannopyranose-(1-6)]beta-D-mannopyranose-(1-4)-2-acetamido-2-deoxy-beta-D-glucopyranose-(1-4)-2-acetamido-2-deoxy-beta-D-glucopyranose
8 branched alpha-D-mannopyranose-(1-3)-[alpha-D-mannopyranose-(1-6)]beta-D-mannopyranose-(1-4)-2-acetamido-2-deoxy-beta-D-glucopyranose-(1-4)-[alpha-L-fucopyranose-(1-6)]2-acetamido-2-deoxy-beta-D-glucopyranose
#
_entity_poly.entity_id   1
_entity_poly.type   'polypeptide(L)'
_entity_poly.pdbx_seq_one_letter_code
;MGQPSLTWMLMVVVASWFITTAATDTSEARWCSECHSNATCTEDEAVTTCTCQEGFTGDGLTCVDLDECAIPGAHNCSAN
SSCVNTPGSFSCVCPEGFRLSPGLGCTDVDECAEPGLSHCHALATCVNVVGSYLCVCPAGYRGDGWHCECSPGSCGPGLD
CVPEGDALVCADPCQAHRTLDEYWRSTEYGEGYACDTDLRGWYRFVGQGGARMAETCVPVLRCNTAAPMWLNGTHPSSDE
GIVSRKACAHWSGHCCLWDASVQVKACAGGYYVYNLTAPPECHLAYCTDPSSVEGTCEECSIDEDCKSNNGRWHCQCKQD
FNITDISLLEHRLECGANDMKVSLGKCQLKSLGFDKVFMYLSDSRCSGFNDRDNRDWVSVVTPARDGPCGTVLTRNETHA
TYSNTLYLADEIIIRDLNIKINFACSYPLDMKVSLKTALQPMVSALNIRVGGTGMFTVRMALFQTPSYTQPYQGSSVTLS
TEAFLYVGTMLDGGDLSRFALLMTNCYATPSSNATDPLKYFIIQDRCPHTRDSTIQVVENGESSQGRFSVQMFRFAGNYD
LVYLHCEVYLCDTMNEKCKPTCSGTRFRSGSVIDQSRVLNLGPITRKGVQATVSRAFSSLGLLKVWLPLLLSATLTLTFQ
;
_entity_poly.pdbx_strand_id   A,B,C
#
# COMPACT_ATOMS: atom_id res chain seq x y z
N ASP A 25 59.71 -99.69 -61.50
CA ASP A 25 60.71 -100.70 -61.82
C ASP A 25 61.17 -101.47 -60.58
N THR A 26 62.18 -100.97 -59.88
CA THR A 26 62.74 -101.64 -58.71
C THR A 26 62.10 -101.18 -57.41
N SER A 27 61.06 -100.35 -57.48
CA SER A 27 60.39 -99.82 -56.30
C SER A 27 58.94 -100.28 -56.22
N GLU A 28 58.66 -101.50 -56.66
CA GLU A 28 57.31 -102.03 -56.65
C GLU A 28 56.93 -102.33 -55.20
N ALA A 29 56.06 -101.49 -54.64
CA ALA A 29 55.63 -101.67 -53.26
C ALA A 29 54.59 -102.78 -53.15
N ARG A 30 54.64 -103.51 -52.04
CA ARG A 30 53.56 -104.44 -51.72
C ARG A 30 52.33 -103.72 -51.19
N TRP A 31 52.53 -102.72 -50.33
CA TRP A 31 51.44 -101.86 -49.89
C TRP A 31 51.90 -100.40 -49.84
N CYS A 32 50.91 -99.51 -49.74
CA CYS A 32 51.13 -98.06 -49.70
C CYS A 32 51.96 -97.63 -48.49
N SER A 33 52.04 -98.47 -47.45
CA SER A 33 52.92 -98.18 -46.32
C SER A 33 54.39 -98.11 -46.73
N GLU A 34 54.77 -98.80 -47.81
CA GLU A 34 56.12 -98.70 -48.34
C GLU A 34 56.34 -97.43 -49.16
N CYS A 35 55.29 -96.72 -49.54
CA CYS A 35 55.45 -95.33 -49.97
C CYS A 35 55.69 -94.46 -48.74
N HIS A 36 56.53 -93.44 -48.91
CA HIS A 36 56.82 -92.52 -47.82
C HIS A 36 55.79 -91.40 -47.81
N SER A 37 55.96 -90.41 -46.94
CA SER A 37 55.23 -89.16 -46.99
C SER A 37 55.82 -88.18 -47.99
N ASN A 38 56.91 -88.53 -48.67
CA ASN A 38 57.53 -87.68 -49.67
C ASN A 38 57.25 -88.14 -51.09
N ALA A 39 56.53 -89.24 -51.26
CA ALA A 39 56.18 -89.76 -52.58
C ALA A 39 54.66 -89.86 -52.69
N THR A 40 54.17 -89.75 -53.92
CA THR A 40 52.74 -89.92 -54.18
C THR A 40 52.39 -91.40 -54.34
N CYS A 41 51.33 -91.81 -53.65
CA CYS A 41 50.90 -93.20 -53.61
C CYS A 41 49.70 -93.39 -54.52
N THR A 42 49.78 -94.37 -55.41
CA THR A 42 48.75 -94.62 -56.42
C THR A 42 48.30 -96.06 -56.31
N GLU A 43 47.00 -96.26 -56.12
CA GLU A 43 46.42 -97.60 -56.07
C GLU A 43 45.66 -97.85 -57.37
N ASP A 44 46.13 -98.83 -58.14
CA ASP A 44 45.51 -99.22 -59.40
C ASP A 44 45.17 -100.70 -59.30
N GLU A 45 43.86 -101.00 -59.20
CA GLU A 45 43.36 -102.37 -59.07
C GLU A 45 43.91 -103.06 -57.82
N ALA A 46 44.19 -102.27 -56.78
CA ALA A 46 44.79 -102.66 -55.50
C ALA A 46 46.27 -102.97 -55.61
N VAL A 47 46.92 -102.56 -56.69
CA VAL A 47 48.37 -102.71 -56.85
C VAL A 47 49.01 -101.36 -56.52
N THR A 48 49.91 -101.37 -55.53
CA THR A 48 50.48 -100.15 -54.99
C THR A 48 51.83 -99.88 -55.63
N THR A 49 51.97 -98.73 -56.27
CA THR A 49 53.23 -98.30 -56.87
C THR A 49 53.65 -96.99 -56.24
N CYS A 50 54.91 -96.91 -55.81
CA CYS A 50 55.46 -95.68 -55.25
C CYS A 50 56.32 -95.01 -56.33
N THR A 51 55.97 -93.79 -56.69
CA THR A 51 56.78 -92.97 -57.59
C THR A 51 56.99 -91.63 -56.91
N CYS A 52 58.24 -91.32 -56.56
CA CYS A 52 58.54 -90.05 -55.92
C CYS A 52 58.62 -88.94 -56.96
N GLN A 53 57.92 -87.84 -56.69
CA GLN A 53 57.79 -86.73 -57.62
C GLN A 53 59.04 -85.87 -57.62
N GLU A 54 59.14 -85.02 -58.64
CA GLU A 54 60.30 -84.17 -58.83
C GLU A 54 60.57 -83.31 -57.60
N GLY A 55 61.85 -83.02 -57.36
CA GLY A 55 62.28 -82.41 -56.13
C GLY A 55 62.67 -83.40 -55.04
N PHE A 56 62.51 -84.69 -55.29
CA PHE A 56 63.00 -85.74 -54.41
C PHE A 56 63.71 -86.78 -55.26
N THR A 57 64.80 -87.34 -54.71
CA THR A 57 65.75 -88.12 -55.50
C THR A 57 65.89 -89.51 -54.89
N GLY A 58 65.98 -90.51 -55.74
CA GLY A 58 66.12 -91.89 -55.30
C GLY A 58 65.48 -92.83 -56.29
N ASP A 59 65.08 -94.01 -55.79
CA ASP A 59 64.45 -95.01 -56.63
C ASP A 59 62.93 -94.92 -56.61
N GLY A 60 62.34 -94.51 -55.49
CA GLY A 60 60.90 -94.34 -55.41
C GLY A 60 60.28 -94.94 -54.16
N LEU A 61 60.82 -96.07 -53.70
CA LEU A 61 60.43 -96.58 -52.40
C LEU A 61 60.90 -95.65 -51.28
N THR A 62 62.17 -95.24 -51.33
CA THR A 62 62.69 -94.16 -50.51
C THR A 62 63.30 -93.10 -51.43
N CYS A 63 62.76 -91.88 -51.36
CA CYS A 63 63.38 -90.73 -51.99
C CYS A 63 63.59 -89.64 -50.95
N VAL A 64 64.85 -89.29 -50.72
CA VAL A 64 65.20 -88.27 -49.72
C VAL A 64 65.24 -86.91 -50.40
N ASP A 65 65.14 -85.85 -49.58
CA ASP A 65 65.10 -84.49 -50.10
C ASP A 65 66.38 -84.15 -50.85
N LEU A 66 66.21 -83.72 -52.10
CA LEU A 66 67.31 -83.24 -52.94
C LEU A 66 66.72 -82.50 -54.14
N ASP A 67 67.23 -81.29 -54.41
CA ASP A 67 66.64 -80.42 -55.43
C ASP A 67 66.65 -81.09 -56.79
N GLU A 68 65.51 -81.02 -57.49
CA GLU A 68 65.41 -81.42 -58.89
C GLU A 68 66.37 -80.63 -59.79
N CYS A 69 66.77 -79.42 -59.37
CA CYS A 69 67.75 -78.66 -60.12
C CYS A 69 69.11 -79.35 -60.21
N ALA A 70 69.41 -80.28 -59.29
CA ALA A 70 70.71 -80.96 -59.25
C ALA A 70 70.51 -82.47 -59.11
N ILE A 71 70.02 -83.11 -60.17
CA ILE A 71 69.87 -84.56 -60.19
C ILE A 71 70.48 -85.09 -61.48
N PRO A 72 70.85 -86.38 -61.52
CA PRO A 72 71.31 -86.96 -62.78
C PRO A 72 70.22 -86.91 -63.84
N GLY A 73 70.55 -86.35 -65.00
CA GLY A 73 69.59 -86.14 -66.06
C GLY A 73 69.07 -84.72 -66.16
N ALA A 74 69.13 -83.97 -65.05
CA ALA A 74 68.75 -82.56 -64.97
C ALA A 74 67.27 -82.34 -65.25
N HIS A 75 66.90 -81.08 -65.50
CA HIS A 75 65.52 -80.69 -65.72
C HIS A 75 65.38 -79.98 -67.07
N ASN A 76 64.34 -79.14 -67.21
CA ASN A 76 64.19 -78.32 -68.42
C ASN A 76 63.72 -76.92 -68.05
N CYS A 77 64.65 -76.10 -67.57
CA CYS A 77 64.41 -74.68 -67.29
C CYS A 77 65.32 -73.87 -68.21
N SER A 78 64.83 -72.73 -68.67
CA SER A 78 65.57 -71.93 -69.63
C SER A 78 66.83 -71.33 -69.00
N ALA A 79 67.68 -70.75 -69.86
CA ALA A 79 68.97 -70.20 -69.44
C ALA A 79 68.82 -69.19 -68.30
N ASN A 80 67.98 -68.18 -68.49
CA ASN A 80 67.80 -67.17 -67.45
C ASN A 80 67.09 -67.75 -66.23
N SER A 81 66.06 -68.57 -66.46
CA SER A 81 65.21 -69.13 -65.40
C SER A 81 66.00 -69.83 -64.30
N SER A 82 65.93 -69.28 -63.09
CA SER A 82 66.57 -69.85 -61.90
C SER A 82 65.67 -70.95 -61.36
N CYS A 83 66.06 -72.21 -61.62
CA CYS A 83 65.32 -73.37 -61.12
C CYS A 83 65.13 -73.30 -59.61
N VAL A 84 63.90 -73.49 -59.17
CA VAL A 84 63.55 -73.51 -57.76
C VAL A 84 62.74 -74.77 -57.46
N ASN A 85 63.19 -75.53 -56.46
CA ASN A 85 62.50 -76.74 -56.06
C ASN A 85 61.24 -76.39 -55.28
N THR A 86 60.18 -77.17 -55.47
CA THR A 86 58.93 -77.05 -54.73
C THR A 86 58.53 -78.40 -54.17
N PRO A 87 57.79 -78.43 -53.05
CA PRO A 87 57.49 -79.73 -52.42
C PRO A 87 56.46 -80.54 -53.20
N GLY A 88 56.93 -81.22 -54.25
CA GLY A 88 56.01 -81.96 -55.12
C GLY A 88 56.34 -81.88 -56.60
N SER A 89 57.12 -80.87 -56.99
CA SER A 89 57.38 -80.60 -58.40
C SER A 89 58.59 -79.66 -58.49
N PHE A 90 58.82 -79.12 -59.68
CA PHE A 90 59.87 -78.13 -59.88
C PHE A 90 59.32 -77.01 -60.76
N SER A 91 59.71 -75.78 -60.44
CA SER A 91 59.25 -74.61 -61.16
C SER A 91 60.42 -73.86 -61.77
N CYS A 92 60.23 -73.35 -62.98
CA CYS A 92 61.23 -72.55 -63.68
C CYS A 92 60.83 -71.10 -63.55
N VAL A 93 61.48 -70.38 -62.64
CA VAL A 93 61.16 -68.98 -62.36
C VAL A 93 62.16 -68.11 -63.11
N CYS A 94 61.65 -67.31 -64.04
CA CYS A 94 62.47 -66.40 -64.82
C CYS A 94 62.69 -65.13 -64.01
N PRO A 95 63.63 -64.25 -64.43
CA PRO A 95 63.73 -62.94 -63.78
C PRO A 95 62.44 -62.13 -63.91
N GLU A 96 61.77 -61.91 -62.78
CA GLU A 96 60.38 -61.43 -62.70
C GLU A 96 60.11 -60.28 -63.64
N GLY A 97 59.19 -60.51 -64.58
CA GLY A 97 58.98 -59.62 -65.70
C GLY A 97 58.88 -60.48 -66.94
N PHE A 98 59.50 -61.65 -66.84
CA PHE A 98 59.41 -62.72 -67.83
C PHE A 98 58.91 -63.98 -67.17
N ARG A 99 58.17 -64.79 -67.93
CA ARG A 99 57.68 -66.08 -67.45
C ARG A 99 58.01 -67.14 -68.50
N LEU A 100 58.31 -68.34 -68.04
CA LEU A 100 58.61 -69.43 -68.96
C LEU A 100 57.32 -69.99 -69.55
N SER A 101 57.24 -69.98 -70.89
CA SER A 101 56.25 -70.65 -71.71
C SER A 101 56.86 -71.89 -72.34
N PRO A 102 56.16 -73.03 -72.31
CA PRO A 102 56.71 -74.27 -72.90
C PRO A 102 57.12 -74.08 -74.34
N GLY A 103 58.27 -74.65 -74.69
CA GLY A 103 58.84 -74.52 -76.02
C GLY A 103 59.37 -73.15 -76.38
N LEU A 104 59.29 -72.17 -75.49
CA LEU A 104 59.74 -70.81 -75.76
C LEU A 104 60.69 -70.25 -74.72
N GLY A 105 60.73 -70.81 -73.51
CA GLY A 105 61.58 -70.27 -72.46
C GLY A 105 60.98 -69.00 -71.88
N CYS A 106 61.85 -68.07 -71.47
CA CYS A 106 61.38 -66.86 -70.79
C CYS A 106 60.80 -65.91 -71.84
N THR A 107 59.52 -65.61 -71.71
CA THR A 107 58.82 -64.71 -72.63
C THR A 107 58.27 -63.50 -71.88
N ASP A 108 58.25 -62.37 -72.58
CA ASP A 108 57.85 -61.11 -71.97
C ASP A 108 56.36 -61.10 -71.67
N VAL A 109 56.01 -60.59 -70.50
CA VAL A 109 54.62 -60.34 -70.12
C VAL A 109 54.63 -59.34 -68.99
N ASP A 110 53.60 -58.49 -68.94
CA ASP A 110 53.40 -57.61 -67.80
C ASP A 110 53.13 -58.42 -66.54
N GLU A 111 53.74 -58.00 -65.43
CA GLU A 111 53.43 -58.57 -64.12
C GLU A 111 52.39 -57.75 -63.36
N CYS A 112 52.08 -56.55 -63.83
CA CYS A 112 51.08 -55.70 -63.20
C CYS A 112 49.71 -55.83 -63.87
N ALA A 113 49.52 -56.86 -64.69
CA ALA A 113 48.20 -57.25 -65.17
C ALA A 113 47.65 -58.50 -64.49
N GLU A 114 48.41 -59.09 -63.56
CA GLU A 114 47.98 -60.26 -62.83
C GLU A 114 47.85 -59.91 -61.35
N PRO A 115 46.70 -60.17 -60.73
CA PRO A 115 46.55 -59.86 -59.29
C PRO A 115 47.27 -60.82 -58.37
N GLY A 116 48.11 -61.71 -58.92
CA GLY A 116 48.92 -62.58 -58.09
C GLY A 116 50.40 -62.36 -58.29
N LEU A 117 50.76 -61.63 -59.35
CA LEU A 117 52.13 -61.16 -59.56
C LEU A 117 52.30 -59.70 -59.19
N SER A 118 51.36 -59.13 -58.43
CA SER A 118 51.45 -57.75 -57.97
C SER A 118 50.47 -57.56 -56.82
N HIS A 119 50.91 -56.82 -55.79
CA HIS A 119 50.05 -56.53 -54.65
C HIS A 119 50.25 -55.11 -54.13
N CYS A 120 50.75 -54.20 -54.98
CA CYS A 120 51.09 -52.84 -54.58
C CYS A 120 49.95 -52.13 -53.86
N HIS A 121 50.33 -51.20 -52.98
CA HIS A 121 49.40 -50.39 -52.19
C HIS A 121 48.37 -49.73 -53.10
N ALA A 122 47.17 -49.48 -52.54
CA ALA A 122 46.04 -48.96 -53.31
C ALA A 122 46.36 -47.66 -54.02
N LEU A 123 47.22 -46.81 -53.43
CA LEU A 123 47.66 -45.59 -54.09
C LEU A 123 49.00 -45.76 -54.81
N ALA A 124 49.68 -46.88 -54.64
CA ALA A 124 50.93 -47.15 -55.34
C ALA A 124 50.64 -47.78 -56.69
N THR A 125 51.28 -47.25 -57.74
CA THR A 125 51.18 -47.84 -59.07
C THR A 125 52.24 -48.91 -59.24
N CYS A 126 51.83 -50.04 -59.82
CA CYS A 126 52.76 -51.12 -60.15
C CYS A 126 53.48 -50.81 -61.45
N VAL A 127 54.79 -51.07 -61.47
CA VAL A 127 55.61 -50.97 -62.67
C VAL A 127 56.43 -52.25 -62.81
N ASN A 128 56.12 -53.04 -63.84
CA ASN A 128 56.92 -54.22 -64.12
C ASN A 128 58.30 -53.81 -64.62
N VAL A 129 59.35 -54.33 -63.99
CA VAL A 129 60.73 -54.04 -64.35
C VAL A 129 61.47 -55.35 -64.57
N VAL A 130 62.62 -55.26 -65.23
CA VAL A 130 63.44 -56.43 -65.52
C VAL A 130 63.96 -57.05 -64.23
N GLY A 131 63.42 -58.21 -63.84
CA GLY A 131 63.85 -58.92 -62.66
C GLY A 131 62.97 -58.78 -61.42
N SER A 132 61.96 -57.91 -61.43
CA SER A 132 61.12 -57.68 -60.26
C SER A 132 59.91 -56.86 -60.69
N TYR A 133 59.13 -56.40 -59.72
CA TYR A 133 58.26 -55.25 -59.91
C TYR A 133 58.41 -54.31 -58.74
N LEU A 134 58.23 -53.02 -59.00
CA LEU A 134 58.34 -51.98 -57.98
C LEU A 134 56.97 -51.35 -57.77
N CYS A 135 56.71 -50.94 -56.53
CA CYS A 135 55.52 -50.16 -56.21
C CYS A 135 55.92 -48.71 -56.00
N VAL A 136 55.27 -47.80 -56.73
CA VAL A 136 55.68 -46.41 -56.83
C VAL A 136 54.54 -45.52 -56.38
N CYS A 137 54.79 -44.71 -55.36
CA CYS A 137 53.84 -43.68 -54.99
C CYS A 137 53.84 -42.59 -56.06
N PRO A 138 52.68 -41.95 -56.30
CA PRO A 138 52.56 -40.97 -57.40
C PRO A 138 53.43 -39.73 -57.21
N ALA A 139 53.44 -38.87 -58.22
CA ALA A 139 54.23 -37.64 -58.19
C ALA A 139 53.83 -36.74 -57.03
N GLY A 140 54.84 -36.22 -56.33
CA GLY A 140 54.72 -35.50 -55.07
C GLY A 140 54.83 -36.37 -53.82
N TYR A 141 54.19 -37.53 -53.81
CA TYR A 141 54.16 -38.40 -52.65
C TYR A 141 55.58 -38.79 -52.24
N ARG A 142 55.77 -39.04 -50.93
CA ARG A 142 57.08 -39.45 -50.41
C ARG A 142 56.92 -40.80 -49.72
N GLY A 143 57.19 -41.89 -50.43
CA GLY A 143 57.10 -43.18 -49.79
C GLY A 143 57.78 -44.26 -50.63
N ASP A 144 57.71 -45.48 -50.12
CA ASP A 144 58.37 -46.62 -50.76
C ASP A 144 57.44 -47.39 -51.69
N GLY A 145 56.18 -46.99 -51.80
CA GLY A 145 55.16 -47.79 -52.44
C GLY A 145 54.50 -48.82 -51.57
N TRP A 146 54.65 -48.74 -50.25
CA TRP A 146 53.88 -49.53 -49.30
C TRP A 146 53.13 -48.66 -48.31
N HIS A 147 53.73 -47.55 -47.91
CA HIS A 147 53.03 -46.42 -47.33
C HIS A 147 53.44 -45.19 -48.12
N CYS A 148 52.45 -44.45 -48.60
CA CYS A 148 52.73 -43.28 -49.44
C CYS A 148 52.53 -42.01 -48.62
N GLU A 149 53.44 -41.85 -47.66
CA GLU A 149 53.42 -40.72 -46.75
C GLU A 149 53.71 -39.41 -47.46
N CYS A 150 52.63 -38.78 -47.91
CA CYS A 150 52.61 -37.54 -48.66
C CYS A 150 52.83 -36.35 -47.72
N SER A 151 53.18 -35.21 -48.29
CA SER A 151 53.36 -33.97 -47.54
C SER A 151 52.32 -32.97 -48.01
N PRO A 152 52.01 -31.94 -47.18
CA PRO A 152 51.11 -30.88 -47.65
C PRO A 152 51.46 -30.33 -49.03
N GLY A 153 50.45 -30.20 -49.87
CA GLY A 153 50.62 -29.67 -51.21
C GLY A 153 51.23 -30.62 -52.21
N SER A 154 51.58 -31.83 -51.81
CA SER A 154 52.19 -32.82 -52.69
C SER A 154 51.16 -33.67 -53.42
N CYS A 155 49.88 -33.40 -53.23
CA CYS A 155 48.79 -34.10 -53.88
C CYS A 155 48.36 -33.33 -55.12
N GLY A 156 47.56 -33.99 -55.96
CA GLY A 156 47.02 -33.36 -57.14
C GLY A 156 45.88 -32.44 -56.76
N PRO A 157 45.40 -31.66 -57.73
CA PRO A 157 44.34 -30.70 -57.40
C PRO A 157 43.06 -31.40 -56.99
N GLY A 158 42.35 -30.79 -56.05
CA GLY A 158 41.16 -31.38 -55.47
C GLY A 158 41.42 -32.34 -54.32
N LEU A 159 42.68 -32.68 -54.05
CA LEU A 159 43.03 -33.60 -52.97
C LEU A 159 44.11 -33.00 -52.10
N ASP A 160 44.11 -33.38 -50.83
CA ASP A 160 45.16 -32.97 -49.89
C ASP A 160 45.54 -34.17 -49.04
N CYS A 161 46.79 -34.17 -48.59
CA CYS A 161 47.32 -35.28 -47.79
C CYS A 161 46.81 -35.19 -46.35
N VAL A 162 46.01 -36.17 -45.95
CA VAL A 162 45.45 -36.23 -44.60
C VAL A 162 45.57 -37.66 -44.08
N PRO A 163 45.64 -37.83 -42.77
CA PRO A 163 45.73 -39.18 -42.22
C PRO A 163 44.39 -39.91 -42.30
N GLU A 164 44.47 -41.21 -42.51
CA GLU A 164 43.30 -42.10 -42.46
C GLU A 164 43.73 -43.39 -41.75
N GLY A 165 43.37 -43.50 -40.47
CA GLY A 165 43.77 -44.68 -39.71
C GLY A 165 45.21 -44.59 -39.26
N ASP A 166 46.10 -45.23 -40.02
CA ASP A 166 47.52 -45.24 -39.69
C ASP A 166 48.40 -44.93 -40.91
N ALA A 167 47.86 -44.25 -41.92
CA ALA A 167 48.61 -43.93 -43.11
C ALA A 167 48.13 -42.57 -43.61
N LEU A 168 48.90 -41.98 -44.53
CA LEU A 168 48.56 -40.68 -45.09
C LEU A 168 48.12 -40.84 -46.55
N VAL A 169 46.91 -40.39 -46.86
CA VAL A 169 46.35 -40.50 -48.21
C VAL A 169 45.90 -39.12 -48.68
N CYS A 170 45.83 -38.97 -50.01
CA CYS A 170 45.35 -37.72 -50.61
C CYS A 170 43.83 -37.73 -50.63
N ALA A 171 43.21 -36.87 -49.84
CA ALA A 171 41.76 -36.78 -49.77
C ALA A 171 41.33 -35.32 -49.91
N ASP A 172 40.10 -35.13 -50.39
CA ASP A 172 39.59 -33.78 -50.56
C ASP A 172 39.37 -33.15 -49.19
N PRO A 173 39.92 -31.95 -48.93
CA PRO A 173 39.69 -31.30 -47.64
C PRO A 173 38.23 -31.09 -47.28
N CYS A 174 37.35 -30.96 -48.27
CA CYS A 174 35.93 -30.78 -48.01
C CYS A 174 35.26 -32.01 -47.43
N GLN A 175 35.94 -33.15 -47.41
CA GLN A 175 35.41 -34.37 -46.81
C GLN A 175 36.29 -34.91 -45.70
N ALA A 176 37.38 -34.22 -45.36
CA ALA A 176 38.34 -34.70 -44.39
C ALA A 176 38.66 -33.68 -43.31
N HIS A 177 38.02 -32.53 -43.33
CA HIS A 177 38.21 -31.50 -42.31
C HIS A 177 37.43 -31.85 -41.04
N ARG A 178 37.87 -31.23 -39.94
CA ARG A 178 37.09 -31.18 -38.71
C ARG A 178 36.26 -29.90 -38.70
N THR A 179 35.42 -29.75 -37.67
CA THR A 179 34.63 -28.53 -37.51
C THR A 179 34.80 -28.00 -36.09
N LEU A 180 34.63 -26.68 -35.96
CA LEU A 180 34.78 -25.98 -34.69
C LEU A 180 33.55 -25.12 -34.43
N ASP A 181 33.06 -25.18 -33.19
CA ASP A 181 31.88 -24.43 -32.78
C ASP A 181 32.18 -23.79 -31.42
N GLU A 182 33.36 -23.18 -31.32
CA GLU A 182 33.77 -22.47 -30.13
C GLU A 182 33.20 -21.05 -30.15
N TYR A 183 32.19 -20.81 -29.31
CA TYR A 183 31.56 -19.48 -29.26
C TYR A 183 32.55 -18.43 -28.77
N TRP A 184 33.42 -18.79 -27.82
CA TRP A 184 34.43 -17.88 -27.25
C TRP A 184 35.17 -17.11 -28.34
N ARG A 185 35.60 -17.79 -29.41
CA ARG A 185 36.34 -17.22 -30.53
C ARG A 185 35.74 -15.96 -31.16
N SER A 186 34.50 -15.61 -30.80
CA SER A 186 33.86 -14.41 -31.33
C SER A 186 34.65 -13.18 -30.92
N THR A 187 34.78 -12.24 -31.86
CA THR A 187 35.60 -11.04 -31.65
C THR A 187 35.10 -10.19 -30.49
N GLU A 188 33.77 -10.02 -30.37
CA GLU A 188 33.26 -9.21 -29.27
C GLU A 188 33.50 -9.84 -27.91
N TYR A 189 33.60 -11.17 -27.85
CA TYR A 189 33.87 -11.88 -26.60
C TYR A 189 35.24 -11.47 -26.05
N GLY A 190 35.27 -10.77 -24.92
CA GLY A 190 36.52 -10.27 -24.39
C GLY A 190 36.98 -10.93 -23.10
N GLU A 191 36.10 -11.70 -22.48
CA GLU A 191 36.46 -12.44 -21.29
C GLU A 191 37.20 -13.73 -21.69
N GLY A 192 37.70 -14.45 -20.70
CA GLY A 192 38.23 -15.79 -20.92
C GLY A 192 39.73 -15.84 -21.18
N TYR A 193 40.20 -17.07 -21.33
CA TYR A 193 41.61 -17.39 -21.46
C TYR A 193 41.73 -18.59 -22.38
N ALA A 194 42.60 -18.50 -23.39
CA ALA A 194 42.67 -19.56 -24.39
C ALA A 194 44.08 -19.72 -24.92
N CYS A 195 44.26 -20.80 -25.69
CA CYS A 195 45.53 -21.14 -26.34
C CYS A 195 45.22 -22.14 -27.44
N ASP A 196 45.58 -21.81 -28.68
CA ASP A 196 45.23 -22.65 -29.83
C ASP A 196 46.33 -23.63 -30.20
N THR A 197 47.12 -24.11 -29.23
CA THR A 197 48.19 -25.05 -29.51
C THR A 197 47.66 -26.42 -29.97
N ASP A 198 46.43 -26.77 -29.60
CA ASP A 198 45.85 -28.05 -29.99
C ASP A 198 45.59 -28.13 -31.49
N LEU A 199 45.21 -27.01 -32.12
CA LEU A 199 44.70 -27.04 -33.48
C LEU A 199 45.79 -27.42 -34.49
N ARG A 200 45.61 -28.57 -35.12
CA ARG A 200 46.33 -28.95 -36.32
C ARG A 200 45.36 -29.67 -37.24
N GLY A 201 45.68 -29.71 -38.53
CA GLY A 201 44.75 -30.30 -39.48
C GLY A 201 43.78 -29.26 -40.02
N TRP A 202 42.94 -29.69 -40.95
CA TRP A 202 41.91 -28.83 -41.51
C TRP A 202 40.75 -28.66 -40.53
N TYR A 203 40.17 -27.47 -40.50
CA TYR A 203 39.03 -27.19 -39.65
C TYR A 203 37.98 -26.38 -40.42
N ARG A 204 36.76 -26.36 -39.87
CA ARG A 204 35.67 -25.54 -40.38
C ARG A 204 35.03 -24.84 -39.18
N PHE A 205 34.34 -23.73 -39.45
CA PHE A 205 33.60 -22.98 -38.43
C PHE A 205 32.13 -22.90 -38.82
N VAL A 206 31.26 -23.45 -37.96
CA VAL A 206 29.82 -23.46 -38.20
C VAL A 206 29.11 -23.00 -36.93
N GLY A 207 27.87 -22.55 -37.12
CA GLY A 207 27.06 -22.15 -35.99
C GLY A 207 27.47 -20.82 -35.40
N GLN A 208 27.52 -20.79 -34.06
CA GLN A 208 27.86 -19.57 -33.33
C GLN A 208 29.28 -19.11 -33.62
N GLY A 209 30.20 -20.06 -33.78
CA GLY A 209 31.61 -19.77 -34.03
C GLY A 209 31.96 -18.91 -35.23
N GLY A 210 30.98 -18.55 -36.04
CA GLY A 210 31.18 -17.70 -37.20
C GLY A 210 31.33 -18.49 -38.49
N ALA A 211 31.28 -17.76 -39.60
CA ALA A 211 31.29 -18.38 -40.93
C ALA A 211 32.66 -18.40 -41.59
N ARG A 212 33.55 -17.45 -41.26
CA ARG A 212 34.82 -17.37 -41.97
C ARG A 212 35.84 -16.64 -41.10
N MET A 213 37.11 -16.85 -41.42
CA MET A 213 38.21 -16.20 -40.73
C MET A 213 38.10 -14.69 -40.79
N ALA A 214 38.42 -14.04 -39.67
CA ALA A 214 38.36 -12.59 -39.59
C ALA A 214 39.35 -11.96 -40.56
N GLU A 215 38.92 -10.89 -41.24
CA GLU A 215 39.71 -10.27 -42.30
C GLU A 215 40.14 -8.85 -41.96
N THR A 216 40.08 -8.48 -40.68
CA THR A 216 40.32 -7.11 -40.27
C THR A 216 41.19 -7.11 -39.02
N CYS A 217 41.88 -6.00 -38.80
CA CYS A 217 42.66 -5.82 -37.57
C CYS A 217 41.72 -5.80 -36.37
N VAL A 218 41.89 -6.76 -35.47
CA VAL A 218 41.02 -6.92 -34.31
C VAL A 218 41.66 -6.24 -33.11
N PRO A 219 40.89 -5.53 -32.27
CA PRO A 219 41.47 -4.91 -31.07
C PRO A 219 42.06 -5.91 -30.10
N VAL A 220 42.83 -5.39 -29.15
CA VAL A 220 43.50 -6.21 -28.15
C VAL A 220 42.50 -6.83 -27.20
N LEU A 221 42.89 -7.96 -26.60
CA LEU A 221 42.10 -8.71 -25.62
C LEU A 221 40.72 -9.08 -26.17
N ARG A 222 40.68 -9.45 -27.45
CA ARG A 222 39.45 -9.91 -28.08
C ARG A 222 39.60 -11.38 -28.47
N CYS A 223 38.48 -11.94 -28.94
CA CYS A 223 38.40 -13.35 -29.37
C CYS A 223 38.78 -14.30 -28.23
N ASN A 224 38.40 -13.92 -27.01
CA ASN A 224 38.76 -14.58 -25.75
C ASN A 224 40.26 -14.90 -25.60
N THR A 225 41.12 -14.27 -26.39
CA THR A 225 42.55 -14.46 -26.29
C THR A 225 43.25 -13.13 -26.07
N ALA A 226 44.53 -13.22 -25.69
CA ALA A 226 45.33 -12.01 -25.47
C ALA A 226 45.62 -11.29 -26.77
N ALA A 227 46.04 -12.03 -27.80
CA ALA A 227 46.38 -11.46 -29.09
C ALA A 227 45.56 -12.14 -30.18
N PRO A 228 44.74 -11.41 -30.93
CA PRO A 228 43.89 -12.04 -31.93
C PRO A 228 44.52 -12.15 -33.31
N MET A 229 44.28 -13.28 -33.96
CA MET A 229 44.77 -13.55 -35.30
C MET A 229 43.66 -13.35 -36.32
N TRP A 230 44.03 -12.87 -37.50
CA TRP A 230 43.05 -12.59 -38.55
C TRP A 230 43.66 -12.86 -39.91
N LEU A 231 42.78 -13.02 -40.90
CA LEU A 231 43.19 -13.37 -42.25
C LEU A 231 43.60 -12.12 -43.03
N ASN A 232 44.80 -12.17 -43.60
CA ASN A 232 45.35 -11.06 -44.37
C ASN A 232 45.05 -11.26 -45.86
N GLY A 233 43.77 -11.09 -46.18
CA GLY A 233 43.32 -11.23 -47.55
C GLY A 233 41.81 -11.43 -47.62
N THR A 234 41.34 -11.72 -48.82
CA THR A 234 39.94 -12.01 -49.07
C THR A 234 39.80 -13.45 -49.55
N HIS A 235 38.83 -14.17 -48.97
CA HIS A 235 38.57 -15.56 -49.30
C HIS A 235 38.44 -15.75 -50.82
N PRO A 236 38.92 -16.86 -51.36
CA PRO A 236 38.80 -17.10 -52.80
C PRO A 236 37.37 -17.46 -53.20
N SER A 237 37.14 -17.45 -54.50
CA SER A 237 35.85 -17.85 -55.08
C SER A 237 35.55 -19.31 -54.78
N SER A 238 34.26 -19.63 -54.76
CA SER A 238 33.79 -20.98 -54.49
C SER A 238 34.41 -22.00 -55.45
N ASP A 239 34.84 -23.13 -54.88
CA ASP A 239 35.46 -24.26 -55.57
C ASP A 239 36.82 -23.92 -56.18
N GLU A 240 37.46 -22.85 -55.71
CA GLU A 240 38.89 -22.68 -55.93
C GLU A 240 39.67 -23.62 -55.02
N GLY A 241 40.68 -24.29 -55.59
CA GLY A 241 41.52 -25.24 -54.87
C GLY A 241 42.26 -24.67 -53.68
N ILE A 242 43.16 -25.46 -53.09
CA ILE A 242 43.90 -25.00 -51.92
C ILE A 242 44.81 -23.85 -52.33
N VAL A 243 44.62 -22.69 -51.71
CA VAL A 243 45.40 -21.49 -51.96
C VAL A 243 45.99 -21.01 -50.64
N SER A 244 47.21 -20.49 -50.68
CA SER A 244 47.87 -19.99 -49.49
C SER A 244 47.51 -18.52 -49.29
N ARG A 245 47.34 -18.14 -48.03
CA ARG A 245 46.96 -16.78 -47.67
C ARG A 245 47.82 -16.30 -46.52
N LYS A 246 48.07 -14.99 -46.50
CA LYS A 246 48.83 -14.41 -45.41
C LYS A 246 47.98 -14.33 -44.14
N ALA A 247 48.64 -14.45 -42.99
CA ALA A 247 47.96 -14.38 -41.70
C ALA A 247 48.65 -13.35 -40.82
N CYS A 248 47.86 -12.59 -40.07
CA CYS A 248 48.36 -11.52 -39.23
C CYS A 248 47.79 -11.64 -37.82
N ALA A 249 48.54 -11.10 -36.85
CA ALA A 249 48.10 -11.07 -35.46
C ALA A 249 48.39 -9.68 -34.91
N HIS A 250 47.56 -9.25 -33.95
CA HIS A 250 47.66 -7.90 -33.40
C HIS A 250 48.12 -7.95 -31.95
N TRP A 251 49.09 -7.08 -31.63
CA TRP A 251 49.57 -6.91 -30.26
C TRP A 251 50.05 -5.48 -30.10
N SER A 252 50.13 -5.05 -28.83
CA SER A 252 50.52 -3.70 -28.45
C SER A 252 49.74 -2.65 -29.24
N GLY A 253 50.43 -1.89 -30.08
CA GLY A 253 49.74 -0.93 -30.93
C GLY A 253 49.90 -1.24 -32.40
N HIS A 254 50.94 -2.01 -32.73
CA HIS A 254 51.25 -2.34 -34.11
C HIS A 254 50.41 -3.55 -34.54
N CYS A 255 49.65 -3.40 -35.61
CA CYS A 255 48.85 -4.50 -36.14
C CYS A 255 49.60 -5.20 -37.26
N CYS A 256 49.55 -6.53 -37.25
CA CYS A 256 50.25 -7.39 -38.21
C CYS A 256 51.73 -7.06 -38.29
N LEU A 257 52.38 -7.01 -37.12
CA LEU A 257 53.82 -6.81 -37.10
C LEU A 257 54.56 -8.03 -37.65
N TRP A 258 54.12 -9.23 -37.27
CA TRP A 258 54.67 -10.47 -37.78
C TRP A 258 53.66 -11.11 -38.72
N ASP A 259 54.14 -11.62 -39.85
CA ASP A 259 53.30 -12.19 -40.90
C ASP A 259 53.54 -13.69 -41.06
N ALA A 260 52.46 -14.47 -41.01
CA ALA A 260 52.50 -15.91 -41.20
C ALA A 260 51.96 -16.25 -42.60
N SER A 261 51.62 -17.53 -42.81
CA SER A 261 51.08 -17.98 -44.09
C SER A 261 50.15 -19.16 -43.83
N VAL A 262 48.84 -18.93 -43.94
CA VAL A 262 47.85 -19.98 -43.78
C VAL A 262 47.32 -20.39 -45.15
N GLN A 263 46.68 -21.56 -45.22
CA GLN A 263 46.06 -22.04 -46.44
C GLN A 263 44.57 -22.24 -46.23
N VAL A 264 43.80 -21.96 -47.30
CA VAL A 264 42.35 -21.90 -47.26
C VAL A 264 41.83 -22.50 -48.56
N LYS A 265 40.72 -23.23 -48.48
CA LYS A 265 40.08 -23.79 -49.66
C LYS A 265 38.58 -23.58 -49.57
N ALA A 266 37.97 -23.19 -50.69
CA ALA A 266 36.52 -23.11 -50.78
C ALA A 266 35.91 -24.45 -51.11
N CYS A 267 34.75 -24.74 -50.52
CA CYS A 267 34.01 -25.96 -50.76
C CYS A 267 32.61 -25.65 -51.25
N ALA A 268 32.07 -26.56 -52.06
CA ALA A 268 30.70 -26.44 -52.55
C ALA A 268 29.72 -26.45 -51.39
N GLY A 269 28.67 -25.65 -51.51
CA GLY A 269 27.82 -25.31 -50.39
C GLY A 269 28.12 -23.97 -49.75
N GLY A 270 29.11 -23.25 -50.25
CA GLY A 270 29.34 -21.87 -49.85
C GLY A 270 30.19 -21.66 -48.63
N TYR A 271 30.92 -22.67 -48.16
CA TYR A 271 31.71 -22.55 -46.95
C TYR A 271 33.18 -22.76 -47.29
N TYR A 272 34.04 -22.44 -46.32
CA TYR A 272 35.47 -22.57 -46.47
C TYR A 272 36.05 -23.50 -45.42
N VAL A 273 37.21 -24.06 -45.73
CA VAL A 273 38.00 -24.85 -44.79
C VAL A 273 39.40 -24.28 -44.73
N TYR A 274 40.05 -24.44 -43.57
CA TYR A 274 41.29 -23.73 -43.28
C TYR A 274 42.29 -24.68 -42.63
N ASN A 275 43.57 -24.41 -42.84
CA ASN A 275 44.65 -25.11 -42.14
C ASN A 275 45.02 -24.36 -40.88
N LEU A 276 44.38 -24.71 -39.77
CA LEU A 276 44.66 -24.03 -38.51
C LEU A 276 45.73 -24.84 -37.79
N THR A 277 46.96 -24.36 -37.86
CA THR A 277 48.11 -24.96 -37.22
C THR A 277 48.33 -24.24 -35.89
N ALA A 278 49.02 -24.92 -34.96
CA ALA A 278 49.29 -24.28 -33.68
C ALA A 278 50.11 -23.02 -33.92
N PRO A 279 49.85 -21.95 -33.19
CA PRO A 279 50.63 -20.72 -33.38
C PRO A 279 52.02 -20.85 -32.78
N PRO A 280 52.85 -19.80 -32.85
CA PRO A 280 54.18 -19.87 -32.23
C PRO A 280 54.16 -19.61 -30.74
N GLU A 281 53.06 -19.07 -30.21
CA GLU A 281 52.95 -18.78 -28.78
C GLU A 281 51.71 -19.46 -28.20
N CYS A 282 51.35 -19.12 -26.96
CA CYS A 282 50.15 -19.68 -26.34
C CYS A 282 49.09 -18.62 -26.05
N HIS A 283 49.18 -17.46 -26.70
CA HIS A 283 48.16 -16.43 -26.55
C HIS A 283 47.65 -15.93 -27.90
N LEU A 284 47.70 -16.79 -28.91
CA LEU A 284 47.28 -16.44 -30.27
C LEU A 284 46.11 -17.33 -30.67
N ALA A 285 45.05 -16.70 -31.19
CA ALA A 285 43.87 -17.45 -31.59
C ALA A 285 43.20 -16.75 -32.76
N TYR A 286 42.72 -17.55 -33.71
CA TYR A 286 42.03 -17.04 -34.88
C TYR A 286 40.63 -16.56 -34.49
N CYS A 287 40.12 -15.60 -35.24
CA CYS A 287 38.79 -15.05 -34.97
C CYS A 287 37.88 -15.28 -36.17
N THR A 288 36.59 -15.04 -35.94
CA THR A 288 35.58 -15.04 -37.00
C THR A 288 34.66 -13.84 -36.84
N ASP A 289 34.13 -13.36 -37.96
CA ASP A 289 33.17 -12.28 -37.96
C ASP A 289 31.78 -12.85 -37.70
N PRO A 290 30.78 -11.99 -37.41
CA PRO A 290 29.42 -12.51 -37.21
C PRO A 290 28.87 -13.14 -38.48
N SER A 291 28.16 -14.25 -38.31
CA SER A 291 27.57 -14.95 -39.45
C SER A 291 26.57 -14.08 -40.18
N SER A 292 25.72 -13.36 -39.44
CA SER A 292 24.71 -12.44 -39.99
C SER A 292 23.86 -13.06 -41.10
N VAL A 293 23.66 -14.38 -41.04
CA VAL A 293 22.88 -15.16 -42.01
C VAL A 293 21.51 -14.55 -42.35
N GLU A 294 21.03 -13.63 -41.53
CA GLU A 294 19.77 -12.94 -41.75
C GLU A 294 20.07 -11.55 -42.29
N GLY A 295 19.34 -11.16 -43.35
CA GLY A 295 19.56 -9.86 -43.96
C GLY A 295 19.48 -8.71 -42.97
N THR A 296 18.43 -8.70 -42.15
CA THR A 296 18.27 -7.72 -41.10
C THR A 296 18.66 -8.38 -39.78
N CYS A 297 19.47 -7.68 -38.98
CA CYS A 297 19.96 -8.25 -37.72
C CYS A 297 18.90 -8.09 -36.63
N GLU A 298 17.86 -8.94 -36.71
CA GLU A 298 16.78 -8.89 -35.73
C GLU A 298 17.26 -9.34 -34.36
N GLU A 299 18.34 -10.13 -34.31
CA GLU A 299 18.89 -10.57 -33.02
C GLU A 299 19.37 -9.37 -32.21
N CYS A 300 19.93 -8.37 -32.88
CA CYS A 300 20.37 -7.16 -32.22
C CYS A 300 19.16 -6.40 -31.67
N SER A 301 19.36 -5.79 -30.50
CA SER A 301 18.29 -5.05 -29.81
C SER A 301 17.65 -4.00 -30.69
N ILE A 302 16.37 -3.72 -30.41
CA ILE A 302 15.61 -2.69 -31.11
C ILE A 302 16.13 -1.29 -30.84
N ASP A 303 17.02 -1.13 -29.86
CA ASP A 303 17.61 0.16 -29.51
C ASP A 303 19.02 0.29 -30.06
N GLU A 304 19.46 -0.69 -30.86
CA GLU A 304 20.78 -0.71 -31.48
C GLU A 304 20.43 -0.89 -32.95
N ASP A 305 20.09 0.23 -33.61
CA ASP A 305 19.67 0.29 -35.00
C ASP A 305 20.54 -0.53 -35.93
N CYS A 306 19.91 -1.50 -36.61
CA CYS A 306 20.65 -2.37 -37.52
C CYS A 306 21.08 -1.62 -38.77
N LYS A 307 22.30 -1.88 -39.22
CA LYS A 307 22.85 -1.28 -40.43
C LYS A 307 22.75 -2.30 -41.54
N SER A 308 21.78 -2.11 -42.43
CA SER A 308 21.55 -3.04 -43.54
C SER A 308 22.27 -2.49 -44.77
N ASN A 309 23.56 -2.77 -44.83
CA ASN A 309 24.42 -2.33 -45.92
C ASN A 309 25.05 -3.55 -46.58
N ASN A 310 25.31 -3.43 -47.88
CA ASN A 310 25.93 -4.52 -48.63
C ASN A 310 27.35 -4.75 -48.12
N GLY A 311 27.60 -5.96 -47.61
CA GLY A 311 28.89 -6.33 -47.06
C GLY A 311 29.25 -5.71 -45.72
N ARG A 312 28.37 -4.88 -45.15
CA ARG A 312 28.63 -4.23 -43.86
C ARG A 312 27.43 -4.49 -42.95
N TRP A 313 27.41 -5.66 -42.32
CA TRP A 313 26.33 -6.05 -41.43
C TRP A 313 26.75 -5.87 -39.97
N HIS A 314 26.06 -4.98 -39.27
CA HIS A 314 26.29 -4.72 -37.85
C HIS A 314 25.08 -3.93 -37.33
N CYS A 315 25.21 -3.37 -36.13
CA CYS A 315 24.15 -2.56 -35.54
C CYS A 315 24.76 -1.61 -34.53
N GLN A 316 24.31 -0.35 -34.56
CA GLN A 316 24.84 0.63 -33.63
C GLN A 316 23.74 1.63 -33.30
N CYS A 317 23.95 2.39 -32.23
CA CYS A 317 22.97 3.36 -31.78
C CYS A 317 23.04 4.65 -32.62
N LYS A 318 21.95 5.41 -32.60
CA LYS A 318 21.87 6.67 -33.31
C LYS A 318 22.64 7.74 -32.54
N GLN A 319 22.52 9.01 -32.98
CA GLN A 319 23.26 10.10 -32.37
C GLN A 319 22.88 10.34 -30.91
N ASP A 320 21.67 9.95 -30.50
CA ASP A 320 21.21 10.20 -29.13
C ASP A 320 22.19 9.66 -28.08
N PHE A 321 22.85 8.54 -28.39
CA PHE A 321 23.79 7.91 -27.47
C PHE A 321 25.22 8.05 -27.96
N ASN A 322 25.56 9.21 -28.50
CA ASN A 322 26.90 9.51 -28.99
C ASN A 322 27.46 10.67 -28.19
N ILE A 323 27.22 10.67 -26.88
CA ILE A 323 27.65 11.75 -26.00
C ILE A 323 27.94 11.21 -24.62
N THR A 324 28.94 11.79 -23.94
CA THR A 324 29.61 11.16 -22.80
C THR A 324 28.95 11.55 -21.48
N ASP A 325 28.90 12.86 -21.21
CA ASP A 325 28.46 13.38 -19.91
C ASP A 325 27.01 13.00 -19.60
N ILE A 326 26.10 13.24 -20.55
CA ILE A 326 24.69 12.92 -20.32
C ILE A 326 24.51 11.42 -20.11
N SER A 327 25.31 10.61 -20.81
CA SER A 327 25.32 9.17 -20.57
C SER A 327 25.76 8.85 -19.14
N LEU A 328 26.79 9.54 -18.64
CA LEU A 328 27.17 9.43 -17.24
C LEU A 328 26.04 9.83 -16.29
N LEU A 329 25.21 10.80 -16.67
CA LEU A 329 24.02 11.11 -15.89
C LEU A 329 22.82 10.22 -16.19
N GLU A 330 22.88 9.38 -17.22
CA GLU A 330 21.75 8.56 -17.60
C GLU A 330 21.69 7.29 -16.77
N HIS A 331 20.47 6.91 -16.37
CA HIS A 331 20.19 5.68 -15.62
C HIS A 331 18.69 5.50 -15.41
N ARG A 332 18.30 4.37 -14.83
CA ARG A 332 16.92 4.13 -14.43
C ARG A 332 16.89 3.13 -13.28
N LEU A 333 15.86 3.25 -12.44
CA LEU A 333 15.76 2.45 -11.23
C LEU A 333 14.34 1.87 -11.12
N GLU A 334 14.22 0.72 -10.46
CA GLU A 334 12.94 0.06 -10.25
C GLU A 334 12.90 -0.58 -8.88
N CYS A 335 11.94 -0.18 -8.05
CA CYS A 335 11.75 -0.74 -6.72
C CYS A 335 10.64 -1.79 -6.76
N GLY A 336 11.00 -3.04 -6.46
CA GLY A 336 10.05 -4.12 -6.45
C GLY A 336 9.55 -4.44 -5.04
N ALA A 337 8.54 -5.31 -4.99
CA ALA A 337 7.98 -5.70 -3.70
C ALA A 337 8.99 -6.42 -2.81
N ASN A 338 9.77 -7.33 -3.38
CA ASN A 338 10.75 -8.10 -2.61
C ASN A 338 12.19 -7.93 -3.09
N ASP A 339 12.43 -7.19 -4.17
CA ASP A 339 13.76 -7.05 -4.73
C ASP A 339 13.92 -5.64 -5.26
N MET A 340 15.17 -5.19 -5.34
CA MET A 340 15.48 -3.87 -5.87
C MET A 340 16.43 -4.02 -7.06
N LYS A 341 16.16 -3.26 -8.12
CA LYS A 341 16.92 -3.36 -9.36
C LYS A 341 17.37 -1.98 -9.79
N VAL A 342 18.61 -1.89 -10.25
CA VAL A 342 19.16 -0.69 -10.90
C VAL A 342 19.79 -1.13 -12.20
N SER A 343 19.61 -0.33 -13.25
CA SER A 343 20.09 -0.72 -14.57
C SER A 343 20.54 0.50 -15.35
N LEU A 344 21.48 0.27 -16.27
CA LEU A 344 21.97 1.29 -17.18
C LEU A 344 22.00 0.73 -18.59
N GLY A 345 21.88 1.62 -19.58
CA GLY A 345 21.88 1.20 -20.96
C GLY A 345 23.25 0.71 -21.39
N LYS A 346 23.31 -0.53 -21.91
CA LYS A 346 24.58 -1.09 -22.37
C LYS A 346 25.19 -0.25 -23.49
N CYS A 347 24.35 0.34 -24.35
CA CYS A 347 24.87 1.19 -25.42
C CYS A 347 25.62 2.38 -24.83
N GLN A 348 25.05 2.99 -23.79
CA GLN A 348 25.69 4.11 -23.11
C GLN A 348 27.04 3.71 -22.54
N LEU A 349 27.11 2.53 -21.91
CA LEU A 349 28.37 2.03 -21.38
C LEU A 349 29.39 1.82 -22.49
N LYS A 350 28.96 1.26 -23.62
CA LYS A 350 29.86 1.07 -24.75
C LYS A 350 30.36 2.41 -25.27
N SER A 351 29.47 3.42 -25.32
CA SER A 351 29.86 4.74 -25.79
C SER A 351 30.85 5.40 -24.83
N LEU A 352 30.72 5.12 -23.53
CA LEU A 352 31.65 5.63 -22.52
C LEU A 352 32.96 4.86 -22.48
N GLY A 353 33.15 3.93 -23.41
CA GLY A 353 34.36 3.14 -23.51
C GLY A 353 34.35 1.85 -22.70
N PHE A 354 33.31 1.64 -21.88
CA PHE A 354 33.18 0.42 -21.09
C PHE A 354 32.46 -0.62 -21.96
N ASP A 355 33.21 -1.23 -22.87
CA ASP A 355 32.65 -2.29 -23.70
C ASP A 355 32.21 -3.47 -22.84
N LYS A 356 33.03 -3.84 -21.86
CA LYS A 356 32.64 -4.80 -20.84
C LYS A 356 32.30 -4.08 -19.56
N VAL A 357 31.20 -4.48 -18.92
CA VAL A 357 30.67 -3.82 -17.75
C VAL A 357 30.83 -4.73 -16.54
N PHE A 358 31.40 -4.18 -15.47
CA PHE A 358 31.59 -4.90 -14.21
C PHE A 358 30.79 -4.18 -13.14
N MET A 359 29.74 -4.82 -12.66
CA MET A 359 28.86 -4.25 -11.63
C MET A 359 29.05 -5.05 -10.34
N TYR A 360 29.40 -4.35 -9.27
CA TYR A 360 29.60 -4.96 -7.97
C TYR A 360 28.89 -4.13 -6.91
N LEU A 361 28.55 -4.78 -5.80
CA LEU A 361 27.87 -4.14 -4.69
C LEU A 361 28.74 -4.23 -3.43
N SER A 362 28.15 -3.82 -2.30
CA SER A 362 28.83 -3.89 -1.02
C SER A 362 29.21 -5.32 -0.62
N ASP A 363 28.52 -6.32 -1.16
CA ASP A 363 28.87 -7.71 -0.97
C ASP A 363 29.20 -8.30 -2.34
N SER A 364 30.40 -8.88 -2.45
CA SER A 364 30.90 -9.33 -3.75
C SER A 364 30.16 -10.56 -4.26
N ARG A 365 29.42 -11.27 -3.39
CA ARG A 365 28.64 -12.43 -3.85
C ARG A 365 27.59 -12.03 -4.87
N CYS A 366 27.09 -10.80 -4.80
CA CYS A 366 26.19 -10.28 -5.82
C CYS A 366 26.97 -9.75 -7.01
N SER A 367 26.62 -10.22 -8.20
CA SER A 367 27.30 -9.86 -9.43
C SER A 367 26.26 -9.51 -10.49
N GLY A 368 26.63 -8.58 -11.37
CA GLY A 368 25.74 -8.18 -12.43
C GLY A 368 25.58 -9.24 -13.50
N PHE A 369 24.52 -9.11 -14.29
CA PHE A 369 24.22 -10.03 -15.37
C PHE A 369 23.23 -9.38 -16.31
N ASN A 370 23.02 -10.02 -17.45
CA ASN A 370 22.18 -9.46 -18.51
C ASN A 370 20.73 -9.35 -18.06
N ASP A 371 20.01 -8.41 -18.66
CA ASP A 371 18.62 -8.15 -18.28
C ASP A 371 17.73 -9.35 -18.57
N ARG A 372 17.90 -9.97 -19.73
CA ARG A 372 17.20 -11.17 -20.22
C ARG A 372 15.71 -10.92 -20.50
N ASP A 373 15.23 -9.69 -20.33
CA ASP A 373 13.90 -9.29 -20.75
C ASP A 373 13.93 -8.27 -21.88
N ASN A 374 14.63 -7.15 -21.68
CA ASN A 374 14.97 -6.22 -22.74
C ASN A 374 16.49 -6.12 -22.78
N ARG A 375 17.09 -6.61 -23.88
CA ARG A 375 18.53 -6.84 -23.93
C ARG A 375 19.36 -5.57 -23.84
N ASP A 376 18.75 -4.40 -24.05
CA ASP A 376 19.50 -3.15 -23.99
C ASP A 376 20.07 -2.90 -22.59
N TRP A 377 19.31 -3.20 -21.54
CA TRP A 377 19.75 -2.90 -20.20
C TRP A 377 20.66 -4.00 -19.66
N VAL A 378 21.46 -3.63 -18.66
CA VAL A 378 22.16 -4.58 -17.80
C VAL A 378 21.86 -4.21 -16.35
N SER A 379 21.51 -5.22 -15.55
CA SER A 379 20.92 -4.96 -14.24
C SER A 379 21.40 -6.01 -13.23
N VAL A 380 21.23 -5.66 -11.95
CA VAL A 380 21.55 -6.55 -10.83
C VAL A 380 20.37 -6.53 -9.88
N VAL A 381 20.26 -7.56 -9.06
CA VAL A 381 19.13 -7.74 -8.16
C VAL A 381 19.66 -7.78 -6.73
N THR A 382 18.82 -7.33 -5.77
CA THR A 382 19.11 -7.37 -4.34
C THR A 382 17.85 -7.75 -3.56
N PRO A 383 17.89 -8.82 -2.77
CA PRO A 383 16.76 -9.14 -1.91
C PRO A 383 16.51 -8.03 -0.89
N ALA A 384 15.23 -7.76 -0.62
CA ALA A 384 14.85 -6.65 0.26
C ALA A 384 14.83 -7.11 1.71
N ARG A 385 16.02 -7.41 2.22
CA ARG A 385 16.23 -7.80 3.61
C ARG A 385 17.57 -7.23 4.06
N ASP A 386 17.87 -7.43 5.35
CA ASP A 386 19.14 -6.98 5.93
C ASP A 386 20.03 -8.20 6.13
N GLY A 387 21.23 -8.15 5.57
CA GLY A 387 22.19 -9.23 5.69
C GLY A 387 22.62 -9.89 4.38
N PRO A 388 21.68 -10.24 3.49
CA PRO A 388 22.10 -10.78 2.19
C PRO A 388 22.28 -9.67 1.17
N CYS A 389 23.37 -9.80 0.39
CA CYS A 389 23.74 -8.87 -0.69
C CYS A 389 24.14 -7.50 -0.16
N GLY A 390 24.42 -7.39 1.15
CA GLY A 390 24.90 -6.18 1.75
C GLY A 390 23.87 -5.10 2.01
N THR A 391 22.58 -5.38 1.82
CA THR A 391 21.57 -4.36 2.01
C THR A 391 21.36 -4.10 3.51
N VAL A 392 21.06 -2.84 3.84
CA VAL A 392 20.84 -2.42 5.22
C VAL A 392 19.42 -1.90 5.35
N LEU A 393 19.00 -1.65 6.59
CA LEU A 393 17.66 -1.17 6.90
C LEU A 393 17.78 0.17 7.63
N THR A 394 17.35 1.24 6.96
CA THR A 394 17.27 2.56 7.57
C THR A 394 15.80 2.85 7.91
N ARG A 395 15.53 3.06 9.20
CA ARG A 395 14.16 3.15 9.68
C ARG A 395 13.97 4.45 10.45
N ASN A 396 12.84 5.11 10.20
CA ASN A 396 12.36 6.20 11.04
C ASN A 396 10.86 6.03 11.23
N GLU A 397 10.28 6.90 12.06
CA GLU A 397 8.88 6.77 12.47
C GLU A 397 7.92 6.72 11.28
N THR A 398 8.19 7.50 10.22
CA THR A 398 7.25 7.56 9.10
C THR A 398 7.20 6.25 8.33
N HIS A 399 8.33 5.82 7.77
CA HIS A 399 8.37 4.57 7.00
C HIS A 399 9.83 4.15 6.82
N ALA A 400 10.04 2.85 6.66
CA ALA A 400 11.37 2.31 6.55
C ALA A 400 11.98 2.64 5.18
N THR A 401 13.28 2.40 5.06
CA THR A 401 14.01 2.64 3.82
C THR A 401 15.17 1.67 3.73
N TYR A 402 15.49 1.27 2.50
CA TYR A 402 16.61 0.39 2.23
C TYR A 402 17.61 1.13 1.34
N SER A 403 18.89 1.06 1.70
CA SER A 403 19.95 1.77 1.00
C SER A 403 21.06 0.79 0.65
N ASN A 404 21.61 0.94 -0.56
CA ASN A 404 22.75 0.14 -0.98
C ASN A 404 23.48 0.89 -2.08
N THR A 405 24.72 0.48 -2.32
CA THR A 405 25.63 1.19 -3.22
C THR A 405 25.96 0.28 -4.40
N LEU A 406 26.07 0.88 -5.59
CA LEU A 406 26.45 0.17 -6.81
C LEU A 406 27.83 0.65 -7.25
N TYR A 407 28.71 -0.29 -7.55
CA TYR A 407 30.07 0.01 -7.98
C TYR A 407 30.21 -0.32 -9.45
N LEU A 408 30.83 0.60 -10.20
CA LEU A 408 31.01 0.46 -11.63
C LEU A 408 32.49 0.54 -11.97
N ALA A 409 32.93 -0.31 -12.90
CA ALA A 409 34.30 -0.30 -13.37
C ALA A 409 34.37 -1.05 -14.68
N ASP A 410 35.46 -0.81 -15.42
CA ASP A 410 35.70 -1.51 -16.67
C ASP A 410 36.41 -2.85 -16.45
N GLU A 411 37.16 -2.99 -15.37
CA GLU A 411 37.90 -4.21 -15.07
C GLU A 411 37.91 -4.40 -13.55
N ILE A 412 38.65 -5.42 -13.10
CA ILE A 412 38.77 -5.70 -11.67
C ILE A 412 39.41 -4.51 -10.94
N ILE A 413 40.46 -3.95 -11.52
CA ILE A 413 41.18 -2.86 -10.89
C ILE A 413 40.58 -1.53 -11.34
N ILE A 414 40.80 -0.49 -10.53
CA ILE A 414 40.37 0.87 -10.85
C ILE A 414 41.61 1.75 -10.91
N ARG A 415 41.73 2.52 -11.99
CA ARG A 415 42.93 3.32 -12.23
C ARG A 415 42.70 4.81 -12.04
N ASP A 416 41.66 5.39 -12.65
CA ASP A 416 41.49 6.83 -12.68
C ASP A 416 40.28 7.29 -11.87
N LEU A 417 39.08 6.79 -12.18
CA LEU A 417 37.86 7.23 -11.52
C LEU A 417 37.12 6.04 -10.94
N ASN A 418 36.62 6.20 -9.73
CA ASN A 418 35.84 5.17 -9.04
C ASN A 418 34.48 5.78 -8.71
N ILE A 419 33.52 5.59 -9.62
CA ILE A 419 32.17 6.10 -9.46
C ILE A 419 31.33 5.05 -8.75
N LYS A 420 30.76 5.41 -7.61
CA LYS A 420 29.86 4.53 -6.87
C LYS A 420 28.46 5.14 -6.86
N ILE A 421 27.48 4.35 -7.30
CA ILE A 421 26.10 4.80 -7.42
C ILE A 421 25.37 4.51 -6.11
N ASN A 422 24.98 5.56 -5.41
CA ASN A 422 24.20 5.44 -4.18
C ASN A 422 22.72 5.49 -4.53
N PHE A 423 22.01 4.40 -4.27
CA PHE A 423 20.59 4.29 -4.57
C PHE A 423 19.83 3.82 -3.33
N ALA A 424 18.54 4.13 -3.29
CA ALA A 424 17.70 3.75 -2.17
C ALA A 424 16.25 3.66 -2.63
N CYS A 425 15.52 2.72 -2.04
CA CYS A 425 14.08 2.57 -2.26
C CYS A 425 13.32 2.89 -0.99
N SER A 426 12.21 3.63 -1.14
CA SER A 426 11.37 4.00 -0.02
C SER A 426 10.09 3.18 -0.07
N TYR A 427 9.83 2.43 1.00
CA TYR A 427 8.64 1.60 1.10
C TYR A 427 7.69 2.19 2.13
N PRO A 428 6.49 2.63 1.73
CA PRO A 428 5.55 3.21 2.69
C PRO A 428 5.17 2.21 3.78
N LEU A 429 5.03 2.71 5.00
CA LEU A 429 4.69 1.88 6.16
C LEU A 429 3.20 1.88 6.46
N ASP A 430 2.44 2.84 5.91
CA ASP A 430 0.99 2.87 6.03
C ASP A 430 0.41 2.94 4.63
N MET A 431 -0.57 2.07 4.36
CA MET A 431 -1.16 2.00 3.03
C MET A 431 -2.60 1.54 3.12
N LYS A 432 -3.36 1.84 2.06
CA LYS A 432 -4.77 1.47 1.98
C LYS A 432 -4.92 0.09 1.36
N VAL A 433 -5.73 -0.75 1.97
CA VAL A 433 -6.04 -2.08 1.44
C VAL A 433 -7.55 -2.26 1.44
N SER A 434 -8.07 -2.85 0.38
CA SER A 434 -9.51 -3.05 0.20
C SER A 434 -9.79 -4.49 -0.16
N LEU A 435 -10.75 -5.11 0.53
CA LEU A 435 -11.20 -6.45 0.19
C LEU A 435 -12.08 -6.35 -1.06
N LYS A 436 -11.70 -7.08 -2.11
CA LYS A 436 -12.35 -6.92 -3.41
C LYS A 436 -13.74 -7.53 -3.46
N THR A 437 -13.92 -8.72 -2.88
CA THR A 437 -15.17 -9.45 -3.02
C THR A 437 -16.24 -8.83 -2.11
N ALA A 438 -17.29 -8.29 -2.72
CA ALA A 438 -18.38 -7.73 -1.95
C ALA A 438 -19.27 -8.84 -1.39
N LEU A 439 -20.19 -8.45 -0.51
CA LEU A 439 -21.05 -9.39 0.18
C LEU A 439 -22.51 -9.03 -0.05
N GLN A 440 -23.37 -10.04 -0.03
CA GLN A 440 -24.81 -9.88 -0.26
C GLN A 440 -25.56 -10.64 0.82
N PRO A 441 -25.66 -10.07 2.02
CA PRO A 441 -26.31 -10.80 3.13
C PRO A 441 -27.81 -10.96 2.90
N MET A 442 -28.36 -11.97 3.56
CA MET A 442 -29.79 -12.27 3.50
C MET A 442 -30.41 -12.02 4.86
N VAL A 443 -31.55 -11.31 4.88
CA VAL A 443 -32.27 -10.99 6.11
C VAL A 443 -33.74 -11.28 5.91
N SER A 444 -34.39 -11.70 6.99
CA SER A 444 -35.83 -11.96 6.99
C SER A 444 -36.57 -10.66 7.31
N ALA A 445 -37.20 -10.07 6.30
CA ALA A 445 -37.85 -8.77 6.46
C ALA A 445 -39.35 -8.95 6.55
N LEU A 446 -39.98 -8.08 7.34
CA LEU A 446 -41.43 -8.04 7.50
C LEU A 446 -41.97 -6.81 6.77
N ASN A 447 -42.94 -7.01 5.89
CA ASN A 447 -43.56 -5.93 5.15
C ASN A 447 -45.02 -5.78 5.56
N ILE A 448 -45.41 -4.54 5.91
CA ILE A 448 -46.78 -4.21 6.25
C ILE A 448 -47.18 -2.97 5.46
N ARG A 449 -48.33 -3.05 4.78
CA ARG A 449 -48.78 -1.95 3.94
C ARG A 449 -49.50 -0.90 4.79
N VAL A 450 -49.25 0.37 4.48
CA VAL A 450 -49.91 1.49 5.15
C VAL A 450 -50.30 2.50 4.09
N GLY A 451 -51.50 3.06 4.20
CA GLY A 451 -51.99 4.04 3.26
C GLY A 451 -52.61 5.22 3.96
N GLY A 452 -52.48 6.39 3.33
CA GLY A 452 -52.97 7.62 3.91
C GLY A 452 -53.64 8.54 2.91
N THR A 453 -54.88 8.94 3.19
CA THR A 453 -55.61 9.86 2.32
C THR A 453 -55.14 11.29 2.59
N GLY A 454 -54.82 12.02 1.52
CA GLY A 454 -54.32 13.37 1.64
C GLY A 454 -55.14 14.35 0.84
N MET A 455 -54.68 15.60 0.73
CA MET A 455 -55.44 16.62 0.02
C MET A 455 -54.52 17.79 -0.29
N PHE A 456 -54.44 18.17 -1.57
CA PHE A 456 -53.73 19.39 -1.94
C PHE A 456 -54.53 20.63 -1.53
N THR A 457 -53.86 21.77 -1.60
CA THR A 457 -54.48 23.07 -1.33
C THR A 457 -54.62 23.87 -2.62
N VAL A 458 -55.83 24.38 -2.87
CA VAL A 458 -56.13 25.16 -4.06
C VAL A 458 -57.00 26.34 -3.63
N ARG A 459 -56.72 27.52 -4.18
CA ARG A 459 -57.50 28.71 -3.86
C ARG A 459 -57.49 29.66 -5.06
N MET A 460 -58.47 30.54 -5.09
CA MET A 460 -58.57 31.56 -6.13
C MET A 460 -58.84 32.92 -5.48
N ALA A 461 -58.46 33.97 -6.20
CA ALA A 461 -58.53 35.34 -5.69
C ALA A 461 -59.21 36.24 -6.71
N LEU A 462 -59.87 37.29 -6.20
CA LEU A 462 -60.50 38.31 -7.02
C LEU A 462 -59.62 39.55 -7.03
N PHE A 463 -59.01 39.82 -8.17
CA PHE A 463 -58.17 41.00 -8.35
C PHE A 463 -58.97 42.17 -8.90
N GLN A 464 -58.49 43.38 -8.61
CA GLN A 464 -59.12 44.60 -9.10
C GLN A 464 -58.56 45.05 -10.44
N THR A 465 -57.23 45.09 -10.54
CA THR A 465 -56.56 45.64 -11.72
C THR A 465 -56.48 44.59 -12.82
N PRO A 466 -56.31 45.02 -14.08
CA PRO A 466 -55.99 44.06 -15.15
C PRO A 466 -54.62 43.41 -14.98
N SER A 467 -53.75 43.95 -14.13
CA SER A 467 -52.44 43.40 -13.88
C SER A 467 -52.44 42.32 -12.80
N TYR A 468 -53.59 42.07 -12.17
CA TYR A 468 -53.78 41.01 -11.17
C TYR A 468 -52.84 41.20 -9.97
N THR A 469 -53.07 42.29 -9.24
CA THR A 469 -52.17 42.73 -8.20
C THR A 469 -52.73 42.55 -6.79
N GLN A 470 -53.90 43.14 -6.47
CA GLN A 470 -54.39 43.06 -5.11
C GLN A 470 -55.61 42.17 -5.02
N PRO A 471 -55.56 41.10 -4.21
CA PRO A 471 -56.79 40.36 -3.90
C PRO A 471 -57.68 41.14 -2.94
N TYR A 472 -58.96 40.78 -2.93
CA TYR A 472 -59.87 41.28 -1.92
C TYR A 472 -59.75 40.48 -0.63
N GLN A 473 -60.31 41.06 0.44
CA GLN A 473 -60.38 40.39 1.74
C GLN A 473 -61.75 40.41 2.37
N GLY A 474 -62.64 41.33 1.97
CA GLY A 474 -63.97 41.36 2.54
C GLY A 474 -64.81 40.17 2.10
N SER A 475 -65.80 39.83 2.93
CA SER A 475 -66.70 38.74 2.61
C SER A 475 -67.60 39.02 1.41
N SER A 476 -67.77 40.29 1.04
CA SER A 476 -68.61 40.64 -0.10
C SER A 476 -68.07 41.92 -0.73
N VAL A 477 -68.42 42.13 -2.00
CA VAL A 477 -68.01 43.30 -2.75
C VAL A 477 -69.21 43.81 -3.55
N THR A 478 -69.12 45.05 -3.99
CA THR A 478 -70.12 45.67 -4.85
C THR A 478 -69.44 46.14 -6.13
N LEU A 479 -70.12 45.96 -7.26
CA LEU A 479 -69.54 46.26 -8.57
C LEU A 479 -70.66 46.65 -9.52
N SER A 480 -70.26 47.20 -10.67
CA SER A 480 -71.17 47.55 -11.74
C SER A 480 -70.94 46.65 -12.94
N THR A 481 -71.92 46.64 -13.84
CA THR A 481 -71.85 45.79 -15.03
C THR A 481 -70.67 46.15 -15.91
N GLU A 482 -70.44 47.44 -16.12
CA GLU A 482 -69.34 47.89 -16.99
C GLU A 482 -67.97 47.54 -16.42
N ALA A 483 -67.87 47.31 -15.11
CA ALA A 483 -66.59 46.95 -14.50
C ALA A 483 -66.14 45.58 -14.97
N PHE A 484 -64.83 45.44 -15.20
CA PHE A 484 -64.26 44.19 -15.65
C PHE A 484 -63.81 43.37 -14.44
N LEU A 485 -64.27 42.13 -14.38
CA LEU A 485 -64.00 41.22 -13.26
C LEU A 485 -62.82 40.33 -13.62
N TYR A 486 -61.65 40.64 -13.06
CA TYR A 486 -60.44 39.87 -13.26
C TYR A 486 -60.22 38.92 -12.09
N VAL A 487 -60.06 37.63 -12.39
CA VAL A 487 -59.90 36.59 -11.39
C VAL A 487 -58.72 35.72 -11.81
N GLY A 488 -58.00 35.19 -10.82
CA GLY A 488 -56.91 34.28 -11.08
C GLY A 488 -56.87 33.19 -10.04
N THR A 489 -56.26 32.08 -10.42
CA THR A 489 -56.13 30.91 -9.55
C THR A 489 -54.66 30.60 -9.29
N MET A 490 -54.40 30.04 -8.12
CA MET A 490 -53.04 29.73 -7.67
C MET A 490 -53.09 28.46 -6.83
N LEU A 491 -51.93 27.80 -6.76
CA LEU A 491 -51.72 26.70 -5.84
C LEU A 491 -50.84 27.19 -4.70
N ASP A 492 -51.39 27.20 -3.48
CA ASP A 492 -50.61 27.59 -2.31
C ASP A 492 -49.60 26.51 -1.90
N GLY A 493 -49.65 25.34 -2.51
CA GLY A 493 -48.69 24.29 -2.22
C GLY A 493 -48.60 23.33 -3.38
N GLY A 494 -47.55 22.51 -3.35
CA GLY A 494 -47.31 21.54 -4.42
C GLY A 494 -47.06 22.17 -5.77
N ASP A 495 -46.25 23.24 -5.81
CA ASP A 495 -45.98 23.98 -7.04
C ASP A 495 -44.93 23.25 -7.89
N LEU A 496 -45.26 22.02 -8.27
CA LEU A 496 -44.38 21.26 -9.15
C LEU A 496 -44.31 21.91 -10.53
N SER A 497 -43.09 21.94 -11.10
CA SER A 497 -42.91 22.58 -12.40
C SER A 497 -43.61 21.82 -13.52
N ARG A 498 -43.73 20.50 -13.39
CA ARG A 498 -44.31 19.68 -14.43
C ARG A 498 -45.82 19.49 -14.28
N PHE A 499 -46.39 19.93 -13.16
CA PHE A 499 -47.83 19.92 -12.97
C PHE A 499 -48.41 21.26 -13.42
N ALA A 500 -49.26 21.22 -14.45
CA ALA A 500 -49.88 22.42 -15.00
C ALA A 500 -51.35 22.48 -14.60
N LEU A 501 -51.88 23.70 -14.62
CA LEU A 501 -53.24 23.97 -14.18
C LEU A 501 -54.14 24.06 -15.41
N LEU A 502 -55.12 23.17 -15.50
CA LEU A 502 -56.01 23.08 -16.65
C LEU A 502 -57.45 23.21 -16.18
N MET A 503 -58.16 24.21 -16.72
CA MET A 503 -59.55 24.50 -16.37
C MET A 503 -60.46 23.54 -17.14
N THR A 504 -60.82 22.43 -16.49
CA THR A 504 -61.72 21.47 -17.15
C THR A 504 -63.09 22.07 -17.40
N ASN A 505 -63.62 22.84 -16.45
CA ASN A 505 -64.86 23.61 -16.61
C ASN A 505 -65.04 24.55 -15.43
N CYS A 506 -65.58 25.73 -15.70
CA CYS A 506 -65.92 26.74 -14.70
C CYS A 506 -67.36 27.19 -14.93
N TYR A 507 -68.03 27.58 -13.85
CA TYR A 507 -69.42 28.01 -13.96
C TYR A 507 -69.77 28.95 -12.81
N ALA A 508 -70.84 29.72 -13.00
CA ALA A 508 -71.35 30.62 -11.98
C ALA A 508 -72.63 30.05 -11.39
N THR A 509 -72.88 30.40 -10.13
CA THR A 509 -74.04 29.91 -9.40
C THR A 509 -74.62 31.04 -8.56
N PRO A 510 -75.94 31.17 -8.49
CA PRO A 510 -76.53 32.23 -7.65
C PRO A 510 -76.31 32.03 -6.16
N SER A 511 -76.02 30.80 -5.71
CA SER A 511 -75.90 30.49 -4.30
C SER A 511 -74.62 29.72 -4.04
N SER A 512 -74.22 29.69 -2.76
CA SER A 512 -73.00 28.99 -2.38
C SER A 512 -73.09 27.50 -2.69
N ASN A 513 -74.30 26.95 -2.70
CA ASN A 513 -74.52 25.54 -3.03
C ASN A 513 -74.05 25.26 -4.44
N ALA A 514 -73.17 24.27 -4.58
CA ALA A 514 -72.70 23.88 -5.91
C ALA A 514 -73.77 23.13 -6.68
N THR A 515 -74.51 22.24 -6.01
CA THR A 515 -75.54 21.43 -6.66
C THR A 515 -76.77 22.31 -6.86
N ASP A 516 -76.72 23.14 -7.90
CA ASP A 516 -77.83 24.01 -8.28
C ASP A 516 -78.07 23.85 -9.77
N PRO A 517 -79.33 23.66 -10.20
CA PRO A 517 -79.59 23.50 -11.64
C PRO A 517 -79.21 24.70 -12.48
N LEU A 518 -79.27 25.90 -11.91
CA LEU A 518 -79.04 27.14 -12.65
C LEU A 518 -77.55 27.44 -12.70
N LYS A 519 -76.90 26.97 -13.76
CA LYS A 519 -75.47 27.15 -13.96
C LYS A 519 -75.22 27.94 -15.23
N TYR A 520 -74.29 28.89 -15.16
CA TYR A 520 -73.86 29.68 -16.30
C TYR A 520 -72.41 29.32 -16.58
N PHE A 521 -72.20 28.29 -17.39
CA PHE A 521 -70.85 27.82 -17.72
C PHE A 521 -70.07 28.90 -18.43
N ILE A 522 -68.94 29.29 -17.85
CA ILE A 522 -68.04 30.27 -18.46
C ILE A 522 -66.91 29.57 -19.22
N ILE A 523 -66.25 28.60 -18.60
CA ILE A 523 -65.26 27.75 -19.26
C ILE A 523 -65.93 26.40 -19.48
N GLN A 524 -66.02 25.98 -20.73
CA GLN A 524 -66.68 24.71 -21.06
C GLN A 524 -65.81 23.88 -21.99
N ASP A 525 -65.62 22.61 -21.61
CA ASP A 525 -64.85 21.62 -22.38
C ASP A 525 -63.45 22.11 -22.74
N ARG A 526 -62.80 22.76 -21.76
CA ARG A 526 -61.44 23.30 -21.86
C ARG A 526 -61.30 24.46 -22.83
N CYS A 527 -62.41 24.98 -23.34
CA CYS A 527 -62.39 26.07 -24.30
C CYS A 527 -63.26 27.23 -23.80
N PRO A 528 -62.90 28.47 -24.15
CA PRO A 528 -63.69 29.61 -23.70
C PRO A 528 -65.05 29.71 -24.38
N HIS A 529 -66.01 30.24 -23.62
CA HIS A 529 -67.38 30.42 -24.08
C HIS A 529 -67.47 31.53 -25.14
N THR A 530 -68.44 31.39 -26.02
CA THR A 530 -68.68 32.30 -27.13
C THR A 530 -69.89 33.17 -26.80
N ARG A 531 -70.48 33.82 -27.82
CA ARG A 531 -71.60 34.74 -27.71
C ARG A 531 -71.25 36.03 -26.96
N ASP A 532 -69.96 36.25 -26.68
CA ASP A 532 -69.50 37.46 -25.99
C ASP A 532 -67.98 37.55 -26.09
N SER A 533 -67.49 38.57 -26.79
CA SER A 533 -66.07 38.75 -27.03
C SER A 533 -65.28 39.17 -25.80
N THR A 534 -65.94 39.55 -24.71
CA THR A 534 -65.22 39.88 -23.48
C THR A 534 -64.79 38.66 -22.68
N ILE A 535 -65.19 37.45 -23.10
CA ILE A 535 -64.77 36.24 -22.43
C ILE A 535 -63.38 35.88 -22.95
N GLN A 536 -62.36 36.10 -22.11
CA GLN A 536 -60.97 35.92 -22.50
C GLN A 536 -60.24 35.14 -21.42
N VAL A 537 -59.15 34.48 -21.83
CA VAL A 537 -58.21 33.84 -20.92
C VAL A 537 -56.79 34.10 -21.44
N VAL A 538 -55.98 34.75 -20.61
CA VAL A 538 -54.61 35.05 -21.03
C VAL A 538 -53.72 33.80 -20.98
N GLU A 539 -53.84 33.00 -19.93
CA GLU A 539 -53.01 31.83 -19.73
C GLU A 539 -53.85 30.69 -19.17
N ASN A 540 -53.61 29.48 -19.68
CA ASN A 540 -54.29 28.29 -19.19
C ASN A 540 -53.48 27.09 -19.63
N GLY A 541 -52.94 26.33 -18.67
CA GLY A 541 -52.09 25.20 -18.97
C GLY A 541 -50.62 25.53 -19.11
N GLU A 542 -50.28 26.81 -19.29
CA GLU A 542 -48.88 27.20 -19.40
C GLU A 542 -48.14 27.01 -18.09
N SER A 543 -48.76 27.38 -16.97
CA SER A 543 -48.09 27.34 -15.68
C SER A 543 -49.16 27.29 -14.59
N SER A 544 -48.72 27.46 -13.34
CA SER A 544 -49.60 27.42 -12.18
C SER A 544 -50.55 28.62 -12.10
N GLN A 545 -50.32 29.68 -12.87
CA GLN A 545 -51.11 30.90 -12.79
C GLN A 545 -52.15 30.88 -13.92
N GLY A 546 -53.37 30.51 -13.58
CA GLY A 546 -54.47 30.52 -14.53
C GLY A 546 -55.44 31.66 -14.27
N ARG A 547 -55.60 32.55 -15.25
CA ARG A 547 -56.42 33.74 -15.11
C ARG A 547 -57.46 33.78 -16.21
N PHE A 548 -58.71 34.08 -15.85
CA PHE A 548 -59.78 34.31 -16.80
C PHE A 548 -60.41 35.68 -16.56
N SER A 549 -60.65 36.40 -17.64
CA SER A 549 -61.19 37.76 -17.59
C SER A 549 -62.57 37.79 -18.23
N VAL A 550 -63.54 38.35 -17.52
CA VAL A 550 -64.90 38.51 -18.03
C VAL A 550 -65.54 39.69 -17.32
N GLN A 551 -66.44 40.37 -18.01
CA GLN A 551 -67.14 41.51 -17.45
C GLN A 551 -68.45 41.07 -16.78
N MET A 552 -68.92 41.90 -15.86
CA MET A 552 -69.91 41.48 -14.87
C MET A 552 -71.25 41.14 -15.53
N PHE A 553 -72.02 40.29 -14.85
CA PHE A 553 -73.35 39.88 -15.29
C PHE A 553 -74.23 39.71 -14.07
N ARG A 554 -75.54 39.60 -14.32
CA ARG A 554 -76.51 39.31 -13.27
C ARG A 554 -77.47 38.23 -13.74
N PHE A 555 -77.73 37.27 -12.86
CA PHE A 555 -78.72 36.24 -13.12
C PHE A 555 -80.12 36.85 -13.22
N ALA A 556 -80.95 36.27 -14.09
CA ALA A 556 -82.30 36.75 -14.29
C ALA A 556 -83.23 36.16 -13.23
N GLY A 557 -83.93 37.03 -12.52
CA GLY A 557 -84.89 36.60 -11.52
C GLY A 557 -84.78 37.35 -10.21
N ASN A 558 -85.14 36.69 -9.11
CA ASN A 558 -85.00 37.28 -7.78
C ASN A 558 -83.59 37.11 -7.22
N TYR A 559 -82.70 36.44 -7.95
CA TYR A 559 -81.36 36.17 -7.45
C TYR A 559 -80.54 37.46 -7.45
N ASP A 560 -80.14 37.92 -6.26
CA ASP A 560 -79.36 39.14 -6.11
C ASP A 560 -77.86 38.84 -6.05
N LEU A 561 -77.47 37.77 -5.36
CA LEU A 561 -76.07 37.43 -5.18
C LEU A 561 -75.65 36.41 -6.22
N VAL A 562 -74.40 36.52 -6.68
CA VAL A 562 -73.83 35.57 -7.64
C VAL A 562 -72.51 35.05 -7.07
N TYR A 563 -72.32 33.74 -7.14
CA TYR A 563 -71.10 33.07 -6.69
C TYR A 563 -70.34 32.54 -7.90
N LEU A 564 -69.09 32.17 -7.67
CA LEU A 564 -68.24 31.59 -8.70
C LEU A 564 -67.66 30.27 -8.20
N HIS A 565 -67.81 29.23 -9.02
CA HIS A 565 -67.26 27.91 -8.73
C HIS A 565 -66.46 27.44 -9.94
N CYS A 566 -65.51 26.55 -9.69
CA CYS A 566 -64.71 25.99 -10.77
C CYS A 566 -64.32 24.56 -10.44
N GLU A 567 -64.08 23.78 -11.49
CA GLU A 567 -63.44 22.48 -11.40
C GLU A 567 -62.16 22.53 -12.21
N VAL A 568 -61.13 21.83 -11.75
CA VAL A 568 -59.80 21.96 -12.32
C VAL A 568 -59.13 20.60 -12.34
N TYR A 569 -58.36 20.34 -13.39
CA TYR A 569 -57.65 19.08 -13.60
C TYR A 569 -56.17 19.41 -13.71
N LEU A 570 -55.37 18.83 -12.83
CA LEU A 570 -53.93 19.01 -12.92
C LEU A 570 -53.37 18.15 -14.04
N CYS A 571 -52.57 18.75 -14.90
CA CYS A 571 -52.12 18.13 -16.14
C CYS A 571 -50.60 17.91 -16.08
N ASP A 572 -50.16 16.71 -16.39
CA ASP A 572 -48.75 16.36 -16.38
C ASP A 572 -48.13 16.72 -17.73
N THR A 573 -47.13 17.60 -17.70
CA THR A 573 -46.49 18.05 -18.92
C THR A 573 -45.64 16.98 -19.59
N MET A 574 -45.25 15.93 -18.85
CA MET A 574 -44.39 14.90 -19.43
C MET A 574 -45.08 14.15 -20.55
N ASN A 575 -46.37 13.86 -20.38
CA ASN A 575 -47.11 13.02 -21.32
C ASN A 575 -48.13 13.83 -22.11
N GLU A 576 -49.02 14.54 -21.43
CA GLU A 576 -50.04 15.33 -22.11
C GLU A 576 -49.45 16.68 -22.50
N LYS A 577 -49.87 17.17 -23.67
CA LYS A 577 -49.45 18.50 -24.13
C LYS A 577 -49.98 19.60 -23.23
N CYS A 578 -51.22 19.47 -22.75
CA CYS A 578 -51.86 20.35 -21.77
C CYS A 578 -52.01 21.81 -22.20
N LYS A 579 -51.57 22.16 -23.40
CA LYS A 579 -52.13 23.33 -24.08
C LYS A 579 -53.55 23.02 -24.55
N PRO A 580 -54.54 23.86 -24.21
CA PRO A 580 -55.79 23.87 -24.97
C PRO A 580 -55.66 24.59 -26.30
N THR A 581 -55.55 23.82 -27.39
CA THR A 581 -55.45 24.38 -28.73
C THR A 581 -56.83 24.49 -29.39
N CYS A 582 -57.72 25.22 -28.72
CA CYS A 582 -59.12 25.28 -29.14
C CYS A 582 -59.21 26.18 -30.36
N SER A 583 -59.22 25.57 -31.56
CA SER A 583 -59.39 26.30 -32.81
C SER A 583 -60.60 27.23 -32.79
N GLY A 584 -61.57 26.94 -31.93
CA GLY A 584 -62.77 27.74 -31.78
C GLY A 584 -63.95 26.86 -31.42
N THR A 585 -64.70 27.22 -30.38
CA THR A 585 -65.85 26.40 -29.99
C THR A 585 -66.84 26.29 -31.15
N ARG A 586 -66.99 27.38 -31.91
CA ARG A 586 -67.81 27.35 -33.12
C ARG A 586 -67.13 26.48 -34.16
N PHE A 587 -65.97 26.93 -34.62
CA PHE A 587 -65.13 26.25 -35.60
C PHE A 587 -63.65 26.52 -35.31
N SER B 444 39.99 9.40 -5.66
CA SER B 444 38.92 10.33 -5.98
C SER B 444 37.66 9.59 -6.41
N ALA B 445 36.52 10.02 -5.89
CA ALA B 445 35.23 9.37 -6.15
C ALA B 445 34.15 10.42 -6.39
N LEU B 446 33.23 10.08 -7.29
CA LEU B 446 32.06 10.91 -7.58
C LEU B 446 30.83 10.26 -6.97
N ASN B 447 30.08 11.03 -6.19
CA ASN B 447 28.86 10.55 -5.55
C ASN B 447 27.66 11.29 -6.12
N ILE B 448 26.65 10.53 -6.55
CA ILE B 448 25.39 11.09 -7.05
C ILE B 448 24.25 10.35 -6.36
N ARG B 449 23.31 11.12 -5.80
CA ARG B 449 22.20 10.53 -5.06
C ARG B 449 21.10 10.11 -6.02
N VAL B 450 20.49 8.96 -5.74
CA VAL B 450 19.38 8.43 -6.52
C VAL B 450 18.35 7.88 -5.55
N GLY B 451 17.07 8.15 -5.82
CA GLY B 451 16.00 7.70 -4.96
C GLY B 451 14.87 7.11 -5.78
N GLY B 452 14.21 6.10 -5.19
CA GLY B 452 13.14 5.40 -5.87
C GLY B 452 11.94 5.09 -4.98
N THR B 453 10.76 5.51 -5.41
CA THR B 453 9.54 5.22 -4.66
C THR B 453 9.08 3.80 -4.93
N GLY B 454 8.78 3.06 -3.87
CA GLY B 454 8.38 1.67 -4.00
C GLY B 454 7.06 1.40 -3.32
N MET B 455 6.67 0.12 -3.22
CA MET B 455 5.38 -0.22 -2.64
C MET B 455 5.37 -1.70 -2.28
N PHE B 456 5.08 -2.01 -1.02
CA PHE B 456 4.87 -3.40 -0.63
C PHE B 456 3.54 -3.92 -1.17
N THR B 457 3.37 -5.24 -1.08
CA THR B 457 2.13 -5.91 -1.48
C THR B 457 1.41 -6.43 -0.24
N VAL B 458 0.12 -6.10 -0.13
CA VAL B 458 -0.72 -6.53 0.98
C VAL B 458 -2.07 -6.96 0.41
N ARG B 459 -2.61 -8.05 0.95
CA ARG B 459 -3.91 -8.54 0.50
C ARG B 459 -4.59 -9.27 1.65
N MET B 460 -5.91 -9.39 1.54
CA MET B 460 -6.72 -10.12 2.51
C MET B 460 -7.67 -11.06 1.79
N ALA B 461 -8.08 -12.11 2.50
CA ALA B 461 -8.90 -13.17 1.93
C ALA B 461 -10.08 -13.47 2.83
N LEU B 462 -11.17 -13.92 2.22
CA LEU B 462 -12.38 -14.33 2.92
C LEU B 462 -12.42 -15.85 2.97
N PHE B 463 -12.22 -16.41 4.15
CA PHE B 463 -12.28 -17.85 4.36
C PHE B 463 -13.68 -18.29 4.78
N GLN B 464 -13.99 -19.55 4.49
CA GLN B 464 -15.28 -20.13 4.86
C GLN B 464 -15.24 -20.80 6.23
N THR B 465 -14.23 -21.62 6.47
CA THR B 465 -14.15 -22.42 7.68
C THR B 465 -13.57 -21.61 8.83
N PRO B 466 -13.83 -22.01 10.08
CA PRO B 466 -13.11 -21.42 11.21
C PRO B 466 -11.62 -21.71 11.22
N SER B 467 -11.17 -22.69 10.45
CA SER B 467 -9.76 -23.05 10.35
C SER B 467 -9.00 -22.21 9.31
N TYR B 468 -9.69 -21.34 8.58
CA TYR B 468 -9.10 -20.41 7.62
C TYR B 468 -8.35 -21.16 6.51
N THR B 469 -9.12 -21.91 5.72
CA THR B 469 -8.54 -22.84 4.75
C THR B 469 -8.73 -22.39 3.31
N GLN B 470 -9.97 -22.17 2.85
CA GLN B 470 -10.17 -21.85 1.44
C GLN B 470 -10.60 -20.39 1.26
N PRO B 471 -9.83 -19.60 0.52
CA PRO B 471 -10.32 -18.28 0.11
C PRO B 471 -11.39 -18.40 -0.97
N TYR B 472 -12.19 -17.35 -1.09
CA TYR B 472 -13.12 -17.23 -2.20
C TYR B 472 -12.40 -16.71 -3.45
N GLN B 473 -13.07 -16.85 -4.59
CA GLN B 473 -12.58 -16.32 -5.86
C GLN B 473 -13.63 -15.51 -6.63
N GLY B 474 -14.91 -15.71 -6.37
CA GLY B 474 -15.94 -14.95 -7.07
C GLY B 474 -15.93 -13.49 -6.67
N SER B 475 -16.44 -12.65 -7.57
CA SER B 475 -16.52 -11.22 -7.31
C SER B 475 -17.53 -10.88 -6.22
N SER B 476 -18.46 -11.78 -5.91
CA SER B 476 -19.47 -11.53 -4.89
C SER B 476 -19.86 -12.86 -4.26
N VAL B 477 -20.42 -12.77 -3.05
CA VAL B 477 -20.87 -13.94 -2.30
C VAL B 477 -22.21 -13.60 -1.66
N THR B 478 -22.94 -14.64 -1.26
CA THR B 478 -24.19 -14.52 -0.54
C THR B 478 -24.07 -15.25 0.78
N LEU B 479 -24.61 -14.68 1.85
CA LEU B 479 -24.48 -15.23 3.19
C LEU B 479 -25.70 -14.85 4.01
N SER B 480 -25.84 -15.49 5.17
CA SER B 480 -26.89 -15.20 6.12
C SER B 480 -26.29 -14.57 7.38
N THR B 481 -27.17 -13.97 8.18
CA THR B 481 -26.73 -13.28 9.40
C THR B 481 -26.10 -14.26 10.39
N GLU B 482 -26.71 -15.43 10.56
CA GLU B 482 -26.20 -16.42 11.51
C GLU B 482 -24.84 -16.98 11.10
N ALA B 483 -24.49 -16.89 9.82
CA ALA B 483 -23.20 -17.39 9.36
C ALA B 483 -22.06 -16.55 9.93
N PHE B 484 -20.98 -17.22 10.29
CA PHE B 484 -19.81 -16.55 10.86
C PHE B 484 -18.83 -16.19 9.74
N LEU B 485 -18.45 -14.92 9.68
CA LEU B 485 -17.57 -14.39 8.63
C LEU B 485 -16.14 -14.37 9.15
N TYR B 486 -15.34 -15.34 8.70
CA TYR B 486 -13.94 -15.44 9.06
C TYR B 486 -13.07 -14.84 7.96
N VAL B 487 -12.21 -13.90 8.34
CA VAL B 487 -11.34 -13.20 7.40
C VAL B 487 -9.93 -13.19 7.97
N GLY B 488 -8.93 -13.23 7.09
CA GLY B 488 -7.55 -13.16 7.50
C GLY B 488 -6.75 -12.33 6.51
N THR B 489 -5.64 -11.80 7.00
CA THR B 489 -4.75 -10.97 6.19
C THR B 489 -3.37 -11.60 6.10
N MET B 490 -2.71 -11.34 4.98
CA MET B 490 -1.40 -11.92 4.70
C MET B 490 -0.58 -10.91 3.92
N LEU B 491 0.74 -11.07 3.99
CA LEU B 491 1.68 -10.35 3.13
C LEU B 491 2.20 -11.30 2.08
N ASP B 492 1.90 -11.01 0.81
CA ASP B 492 2.41 -11.81 -0.30
C ASP B 492 3.89 -11.58 -0.55
N GLY B 493 4.48 -10.58 0.10
CA GLY B 493 5.90 -10.33 -0.04
C GLY B 493 6.43 -9.58 1.16
N GLY B 494 7.75 -9.57 1.27
CA GLY B 494 8.41 -8.90 2.39
C GLY B 494 8.08 -9.52 3.74
N ASP B 495 8.09 -10.85 3.81
CA ASP B 495 7.71 -11.57 5.04
C ASP B 495 8.90 -11.60 6.02
N LEU B 496 9.33 -10.41 6.42
CA LEU B 496 10.40 -10.30 7.42
C LEU B 496 9.91 -10.84 8.76
N SER B 497 10.80 -11.56 9.45
CA SER B 497 10.43 -12.15 10.74
C SER B 497 10.20 -11.09 11.81
N ARG B 498 10.92 -9.97 11.73
CA ARG B 498 10.83 -8.93 12.74
C ARG B 498 9.76 -7.89 12.44
N PHE B 499 9.16 -7.93 11.25
CA PHE B 499 8.04 -7.05 10.90
C PHE B 499 6.74 -7.77 11.24
N ALA B 500 5.98 -7.20 12.18
CA ALA B 500 4.72 -7.76 12.62
C ALA B 500 3.55 -6.95 12.06
N LEU B 501 2.40 -7.61 11.97
CA LEU B 501 1.20 -7.02 11.39
C LEU B 501 0.30 -6.52 12.52
N LEU B 502 0.05 -5.22 12.54
CA LEU B 502 -0.74 -4.58 13.59
C LEU B 502 -1.91 -3.84 12.97
N MET B 503 -3.12 -4.19 13.40
CA MET B 503 -4.36 -3.60 12.89
C MET B 503 -4.60 -2.27 13.60
N THR B 504 -4.15 -1.17 12.98
CA THR B 504 -4.35 0.14 13.58
C THR B 504 -5.83 0.51 13.66
N ASN B 505 -6.62 0.17 12.63
CA ASN B 505 -8.07 0.30 12.62
C ASN B 505 -8.64 -0.38 11.40
N CYS B 506 -9.81 -0.99 11.57
CA CYS B 506 -10.57 -1.62 10.49
C CYS B 506 -12.01 -1.11 10.55
N TYR B 507 -12.66 -1.05 9.39
CA TYR B 507 -14.04 -0.56 9.34
C TYR B 507 -14.75 -1.13 8.12
N ALA B 508 -16.07 -1.10 8.18
CA ALA B 508 -16.91 -1.55 7.06
C ALA B 508 -17.53 -0.34 6.37
N THR B 509 -17.81 -0.49 5.07
CA THR B 509 -18.34 0.57 4.25
C THR B 509 -19.39 -0.01 3.31
N PRO B 510 -20.53 0.68 3.09
CA PRO B 510 -21.53 0.16 2.15
C PRO B 510 -21.07 0.15 0.70
N SER B 511 -20.07 0.95 0.35
CA SER B 511 -19.64 1.08 -1.04
C SER B 511 -18.13 0.92 -1.12
N SER B 512 -17.65 0.67 -2.35
CA SER B 512 -16.21 0.49 -2.58
C SER B 512 -15.43 1.74 -2.21
N ASN B 513 -16.07 2.91 -2.31
CA ASN B 513 -15.43 4.18 -1.95
C ASN B 513 -15.04 4.17 -0.48
N ALA B 514 -13.76 4.42 -0.21
CA ALA B 514 -13.30 4.49 1.18
C ALA B 514 -13.79 5.76 1.86
N THR B 515 -13.77 6.89 1.16
CA THR B 515 -14.18 8.17 1.74
C THR B 515 -15.70 8.22 1.77
N ASP B 516 -16.27 7.55 2.78
CA ASP B 516 -17.70 7.53 3.00
C ASP B 516 -17.96 7.85 4.46
N PRO B 517 -18.89 8.76 4.78
CA PRO B 517 -19.16 9.09 6.18
C PRO B 517 -19.66 7.92 7.01
N LEU B 518 -20.38 6.98 6.39
CA LEU B 518 -21.02 5.88 7.10
C LEU B 518 -20.01 4.75 7.29
N LYS B 519 -19.33 4.75 8.43
CA LYS B 519 -18.33 3.76 8.75
C LYS B 519 -18.74 3.01 10.01
N TYR B 520 -18.56 1.70 10.00
CA TYR B 520 -18.81 0.84 11.15
C TYR B 520 -17.48 0.26 11.59
N PHE B 521 -16.77 0.99 12.45
CA PHE B 521 -15.47 0.56 12.93
C PHE B 521 -15.57 -0.76 13.68
N ILE B 522 -14.84 -1.76 13.21
CA ILE B 522 -14.77 -3.07 13.86
C ILE B 522 -13.54 -3.17 14.76
N ILE B 523 -12.37 -2.80 14.25
CA ILE B 523 -11.16 -2.70 15.04
C ILE B 523 -10.89 -1.21 15.25
N GLN B 524 -10.85 -0.78 16.50
CA GLN B 524 -10.65 0.63 16.81
C GLN B 524 -9.56 0.81 17.87
N ASP B 525 -8.60 1.69 17.56
CA ASP B 525 -7.49 2.05 18.45
C ASP B 525 -6.72 0.82 18.93
N ARG B 526 -6.47 -0.11 18.00
CA ARG B 526 -5.73 -1.36 18.21
C ARG B 526 -6.42 -2.34 19.14
N CYS B 527 -7.67 -2.08 19.52
CA CYS B 527 -8.41 -2.94 20.42
C CYS B 527 -9.73 -3.36 19.79
N PRO B 528 -10.23 -4.56 20.12
CA PRO B 528 -11.50 -5.01 19.54
C PRO B 528 -12.70 -4.24 20.07
N HIS B 529 -13.70 -4.12 19.20
CA HIS B 529 -14.95 -3.44 19.51
C HIS B 529 -15.79 -4.23 20.49
N THR B 530 -16.58 -3.52 21.29
CA THR B 530 -17.43 -4.07 22.32
C THR B 530 -18.88 -4.06 21.83
N ARG B 531 -19.84 -4.18 22.76
CA ARG B 531 -21.28 -4.25 22.49
C ARG B 531 -21.69 -5.52 21.74
N ASP B 532 -20.78 -6.47 21.57
CA ASP B 532 -21.05 -7.73 20.89
C ASP B 532 -19.91 -8.71 21.14
N SER B 533 -20.21 -9.80 21.84
CA SER B 533 -19.20 -10.79 22.22
C SER B 533 -18.70 -11.63 21.06
N THR B 534 -19.34 -11.56 19.88
CA THR B 534 -18.85 -12.30 18.73
C THR B 534 -17.68 -11.61 18.04
N ILE B 535 -17.33 -10.39 18.46
CA ILE B 535 -16.18 -9.69 17.89
C ILE B 535 -14.92 -10.22 18.56
N GLN B 536 -14.16 -11.03 17.82
CA GLN B 536 -12.99 -11.71 18.35
C GLN B 536 -11.82 -11.55 17.39
N VAL B 537 -10.61 -11.67 17.94
CA VAL B 537 -9.37 -11.75 17.15
C VAL B 537 -8.47 -12.79 17.81
N VAL B 538 -8.11 -13.82 17.04
CA VAL B 538 -7.26 -14.88 17.59
C VAL B 538 -5.81 -14.41 17.68
N GLU B 539 -5.30 -13.72 16.65
CA GLU B 539 -3.92 -13.29 16.59
C GLU B 539 -3.85 -11.89 16.00
N ASN B 540 -2.98 -11.06 16.57
CA ASN B 540 -2.75 -9.71 16.07
C ASN B 540 -1.44 -9.22 16.65
N GLY B 541 -0.46 -8.97 15.79
CA GLY B 541 0.86 -8.57 16.21
C GLY B 541 1.81 -9.70 16.49
N GLU B 542 1.30 -10.93 16.65
CA GLU B 542 2.17 -12.08 16.89
C GLU B 542 3.01 -12.41 15.67
N SER B 543 2.42 -12.37 14.48
CA SER B 543 3.12 -12.75 13.26
C SER B 543 2.40 -12.12 12.07
N SER B 544 2.78 -12.54 10.86
CA SER B 544 2.24 -12.02 9.63
C SER B 544 0.78 -12.41 9.40
N GLN B 545 0.25 -13.37 10.15
CA GLN B 545 -1.10 -13.88 9.93
C GLN B 545 -2.04 -13.22 10.95
N GLY B 546 -2.75 -12.19 10.50
CA GLY B 546 -3.74 -11.52 11.32
C GLY B 546 -5.16 -11.85 10.93
N ARG B 547 -5.92 -12.44 11.85
CA ARG B 547 -7.28 -12.90 11.56
C ARG B 547 -8.25 -12.28 12.55
N PHE B 548 -9.37 -11.78 12.05
CA PHE B 548 -10.46 -11.30 12.89
C PHE B 548 -11.75 -12.02 12.52
N SER B 549 -12.50 -12.43 13.55
CA SER B 549 -13.74 -13.19 13.37
C SER B 549 -14.90 -12.36 13.87
N VAL B 550 -15.94 -12.25 13.04
CA VAL B 550 -17.17 -11.56 13.41
C VAL B 550 -18.31 -12.13 12.57
N GLN B 551 -19.51 -12.11 13.15
CA GLN B 551 -20.69 -12.62 12.47
C GLN B 551 -21.38 -11.51 11.70
N MET B 552 -22.16 -11.91 10.69
CA MET B 552 -22.59 -11.02 9.62
C MET B 552 -23.52 -9.92 10.16
N PHE B 553 -23.55 -8.79 9.43
CA PHE B 553 -24.41 -7.66 9.76
C PHE B 553 -24.88 -7.03 8.46
N ARG B 554 -25.88 -6.14 8.58
CA ARG B 554 -26.36 -5.36 7.45
C ARG B 554 -26.52 -3.91 7.86
N PHE B 555 -26.07 -3.01 6.99
CA PHE B 555 -26.26 -1.59 7.20
C PHE B 555 -27.75 -1.23 7.12
N ALA B 556 -28.14 -0.26 7.94
CA ALA B 556 -29.53 0.18 7.97
C ALA B 556 -29.81 1.18 6.86
N GLY B 557 -30.81 0.89 6.03
CA GLY B 557 -31.19 1.78 4.97
C GLY B 557 -31.42 1.09 3.65
N ASN B 558 -31.19 1.79 2.54
CA ASN B 558 -31.29 1.20 1.21
C ASN B 558 -30.02 0.48 0.81
N TYR B 559 -28.99 0.50 1.64
CA TYR B 559 -27.71 -0.11 1.29
C TYR B 559 -27.83 -1.64 1.33
N ASP B 560 -27.66 -2.26 0.17
CA ASP B 560 -27.74 -3.71 0.05
C ASP B 560 -26.37 -4.37 0.16
N LEU B 561 -25.35 -3.78 -0.45
CA LEU B 561 -24.02 -4.35 -0.47
C LEU B 561 -23.18 -3.75 0.65
N VAL B 562 -22.31 -4.57 1.23
CA VAL B 562 -21.39 -4.13 2.28
C VAL B 562 -19.97 -4.52 1.88
N TYR B 563 -19.04 -3.59 2.02
CA TYR B 563 -17.63 -3.80 1.74
C TYR B 563 -16.83 -3.79 3.03
N LEU B 564 -15.59 -4.25 2.94
CA LEU B 564 -14.68 -4.27 4.08
C LEU B 564 -13.38 -3.58 3.70
N HIS B 565 -12.95 -2.63 4.54
CA HIS B 565 -11.69 -1.92 4.37
C HIS B 565 -10.91 -1.99 5.67
N CYS B 566 -9.59 -1.85 5.56
CA CYS B 566 -8.74 -1.85 6.74
C CYS B 566 -7.54 -0.95 6.51
N GLU B 567 -7.01 -0.44 7.62
CA GLU B 567 -5.70 0.21 7.64
C GLU B 567 -4.81 -0.58 8.59
N VAL B 568 -3.52 -0.64 8.26
CA VAL B 568 -2.61 -1.53 8.95
C VAL B 568 -1.26 -0.84 9.10
N TYR B 569 -0.62 -1.07 10.24
CA TYR B 569 0.68 -0.49 10.57
C TYR B 569 1.65 -1.62 10.82
N LEU B 570 2.74 -1.67 10.05
CA LEU B 570 3.76 -2.68 10.27
C LEU B 570 4.60 -2.29 11.49
N CYS B 571 4.78 -3.23 12.40
CA CYS B 571 5.38 -2.97 13.70
C CYS B 571 6.71 -3.71 13.80
N ASP B 572 7.76 -2.99 14.22
CA ASP B 572 9.09 -3.56 14.36
C ASP B 572 9.22 -4.18 15.74
N THR B 573 9.48 -5.49 15.79
CA THR B 573 9.59 -6.21 17.05
C THR B 573 10.84 -5.84 17.84
N MET B 574 11.85 -5.26 17.20
CA MET B 574 13.09 -4.93 17.89
C MET B 574 12.87 -3.88 18.97
N ASN B 575 12.04 -2.88 18.68
CA ASN B 575 11.85 -1.74 19.58
C ASN B 575 10.48 -1.76 20.22
N GLU B 576 9.41 -1.80 19.42
CA GLU B 576 8.07 -1.81 19.97
C GLU B 576 7.67 -3.23 20.35
N LYS B 577 6.93 -3.34 21.46
CA LYS B 577 6.42 -4.64 21.90
C LYS B 577 5.43 -5.24 20.90
N CYS B 578 4.58 -4.39 20.30
CA CYS B 578 3.65 -4.75 19.23
C CYS B 578 2.61 -5.81 19.58
N LYS B 579 2.61 -6.32 20.80
CA LYS B 579 1.39 -6.90 21.37
C LYS B 579 0.40 -5.79 21.70
N PRO B 580 -0.84 -5.88 21.23
CA PRO B 580 -1.92 -5.11 21.86
C PRO B 580 -2.39 -5.73 23.17
N THR B 581 -1.96 -5.14 24.28
CA THR B 581 -2.37 -5.62 25.61
C THR B 581 -3.59 -4.86 26.12
N CYS B 582 -4.66 -4.93 25.33
CA CYS B 582 -5.86 -4.14 25.60
C CYS B 582 -6.60 -4.77 26.77
N SER B 583 -6.37 -4.24 27.98
CA SER B 583 -7.08 -4.68 29.17
C SER B 583 -8.59 -4.70 28.99
N GLY B 584 -9.11 -3.91 28.05
CA GLY B 584 -10.51 -3.84 27.74
C GLY B 584 -10.88 -2.43 27.31
N THR B 585 -11.59 -2.30 26.17
CA THR B 585 -11.96 -0.97 25.70
C THR B 585 -12.81 -0.26 26.76
N ARG B 586 -13.66 -1.02 27.46
CA ARG B 586 -14.43 -0.47 28.57
C ARG B 586 -13.48 -0.15 29.71
N PHE B 587 -12.87 -1.19 30.27
CA PHE B 587 -11.91 -1.13 31.36
C PHE B 587 -10.87 -2.22 31.22
N ASP C 25 41.35 66.29 66.90
CA ASP C 25 42.71 66.52 67.35
C ASP C 25 43.66 66.82 66.18
N THR C 26 44.24 65.80 65.57
CA THR C 26 45.19 65.96 64.48
C THR C 26 44.54 65.93 63.11
N SER C 27 43.20 65.89 63.05
CA SER C 27 42.47 65.82 61.80
C SER C 27 41.60 67.05 61.59
N GLU C 28 42.06 68.21 62.04
CA GLU C 28 41.30 69.45 61.91
C GLU C 28 41.31 69.86 60.45
N ALA C 29 40.18 69.68 59.77
CA ALA C 29 40.07 70.04 58.36
C ALA C 29 39.92 71.54 58.19
N ARG C 30 40.50 72.06 57.11
CA ARG C 30 40.22 73.43 56.70
C ARG C 30 38.86 73.56 56.02
N TRP C 31 38.51 72.60 55.16
CA TRP C 31 37.18 72.54 54.58
C TRP C 31 36.68 71.10 54.54
N CYS C 32 35.37 70.96 54.32
CA CYS C 32 34.70 69.68 54.26
C CYS C 32 35.23 68.78 53.14
N SER C 33 35.88 69.36 52.13
CA SER C 33 36.54 68.57 51.09
C SER C 33 37.62 67.66 51.66
N GLU C 34 38.22 68.03 52.79
CA GLU C 34 39.18 67.16 53.45
C GLU C 34 38.53 66.04 54.25
N CYS C 35 37.22 66.12 54.51
CA CYS C 35 36.48 64.93 54.90
C CYS C 35 36.27 64.04 53.68
N HIS C 36 36.30 62.72 53.91
CA HIS C 36 36.11 61.78 52.83
C HIS C 36 34.61 61.49 52.68
N SER C 37 34.26 60.56 51.80
CA SER C 37 32.92 59.99 51.74
C SER C 37 32.70 58.89 52.76
N ASN C 38 33.71 58.55 53.55
CA ASN C 38 33.60 57.53 54.58
C ASN C 38 33.52 58.12 55.98
N ALA C 39 33.58 59.45 56.11
CA ALA C 39 33.48 60.12 57.39
C ALA C 39 32.33 61.11 57.36
N THR C 40 31.75 61.37 58.53
CA THR C 40 30.69 62.36 58.64
C THR C 40 31.27 63.77 58.80
N CYS C 41 30.73 64.70 58.03
CA CYS C 41 31.23 66.07 57.97
C CYS C 41 30.29 66.97 58.76
N THR C 42 30.85 67.74 59.68
CA THR C 42 30.07 68.59 60.59
C THR C 42 30.59 70.02 60.47
N GLU C 43 29.68 70.94 60.15
CA GLU C 43 30.02 72.36 60.08
C GLU C 43 29.44 73.06 61.30
N ASP C 44 30.32 73.59 62.14
CA ASP C 44 29.93 74.33 63.34
C ASP C 44 30.55 75.71 63.25
N GLU C 45 29.71 76.73 63.01
CA GLU C 45 30.13 78.12 62.86
C GLU C 45 31.10 78.30 61.69
N ALA C 46 30.94 77.45 60.67
CA ALA C 46 31.78 77.36 59.47
C ALA C 46 33.15 76.74 59.74
N VAL C 47 33.31 76.06 60.88
CA VAL C 47 34.54 75.32 61.19
C VAL C 47 34.29 73.86 60.90
N THR C 48 35.10 73.29 59.99
CA THR C 48 34.88 71.95 59.48
C THR C 48 35.75 70.96 60.26
N THR C 49 35.11 69.98 60.89
CA THR C 49 35.79 68.91 61.59
C THR C 49 35.41 67.57 60.96
N CYS C 50 36.42 66.75 60.67
CA CYS C 50 36.19 65.41 60.15
C CYS C 50 36.38 64.40 61.28
N THR C 51 35.33 63.64 61.57
CA THR C 51 35.39 62.53 62.52
C THR C 51 34.84 61.30 61.82
N CYS C 52 35.68 60.30 61.60
CA CYS C 52 35.23 59.09 60.95
C CYS C 52 34.52 58.19 61.94
N GLN C 53 33.34 57.71 61.56
CA GLN C 53 32.47 56.94 62.43
C GLN C 53 32.95 55.49 62.53
N GLU C 54 32.41 54.79 63.53
CA GLU C 54 32.79 53.41 63.81
C GLU C 54 32.62 52.52 62.59
N GLY C 55 33.48 51.51 62.48
CA GLY C 55 33.60 50.72 61.28
C GLY C 55 34.61 51.24 60.28
N PHE C 56 35.24 52.38 60.56
CA PHE C 56 36.34 52.89 59.77
C PHE C 56 37.45 53.33 60.72
N THR C 57 38.69 53.11 60.32
CA THR C 57 39.84 53.19 61.22
C THR C 57 40.85 54.19 60.66
N GLY C 58 41.45 54.98 61.54
CA GLY C 58 42.42 55.97 61.15
C GLY C 58 42.38 57.16 62.10
N ASP C 59 42.81 58.31 61.60
CA ASP C 59 42.83 59.53 62.39
C ASP C 59 41.57 60.37 62.22
N GLY C 60 40.96 60.35 61.04
CA GLY C 60 39.72 61.07 60.83
C GLY C 60 39.70 61.87 59.54
N LEU C 61 40.84 62.44 59.17
CA LEU C 61 40.96 63.04 57.83
C LEU C 61 40.87 61.98 56.75
N THR C 62 41.62 60.90 56.90
CA THR C 62 41.47 59.69 56.09
C THR C 62 41.23 58.51 57.04
N CYS C 63 40.09 57.86 56.89
CA CYS C 63 39.83 56.58 57.55
C CYS C 63 39.43 55.55 56.50
N VAL C 64 40.24 54.51 56.36
CA VAL C 64 39.98 53.46 55.38
C VAL C 64 39.14 52.37 56.03
N ASP C 65 38.48 51.57 55.20
CA ASP C 65 37.59 50.53 55.70
C ASP C 65 38.36 49.52 56.54
N LEU C 66 37.90 49.32 57.78
CA LEU C 66 38.43 48.33 58.70
C LEU C 66 37.46 48.15 59.85
N ASP C 67 37.14 46.89 60.20
CA ASP C 67 36.27 46.60 61.32
C ASP C 67 36.72 47.32 62.59
N GLU C 68 35.76 47.93 63.28
CA GLU C 68 36.06 48.68 64.49
C GLU C 68 36.42 47.79 65.67
N CYS C 69 36.22 46.47 65.56
CA CYS C 69 36.49 45.55 66.65
C CYS C 69 37.95 45.51 67.07
N ALA C 70 38.87 46.10 66.28
CA ALA C 70 40.30 46.05 66.56
C ALA C 70 40.91 47.44 66.34
N ILE C 71 40.57 48.37 67.22
CA ILE C 71 41.19 49.70 67.22
C ILE C 71 41.90 49.85 68.56
N PRO C 72 42.85 50.81 68.69
CA PRO C 72 43.45 51.08 70.00
C PRO C 72 42.38 51.41 71.03
N GLY C 73 42.06 50.46 71.90
CA GLY C 73 40.99 50.62 72.87
C GLY C 73 39.93 49.54 72.79
N ALA C 74 40.04 48.61 71.86
CA ALA C 74 39.13 47.47 71.63
C ALA C 74 37.72 48.04 71.39
N HIS C 75 36.68 47.42 71.93
CA HIS C 75 35.31 47.87 71.71
C HIS C 75 34.46 47.38 72.87
N ASN C 76 33.13 47.48 72.73
CA ASN C 76 32.22 46.96 73.76
C ASN C 76 31.08 46.20 73.10
N CYS C 77 31.32 44.91 72.85
CA CYS C 77 30.30 44.00 72.35
C CYS C 77 30.28 42.79 73.27
N SER C 78 29.09 42.34 73.65
CA SER C 78 28.93 41.25 74.61
C SER C 78 29.64 39.99 74.12
N ALA C 79 29.95 39.11 75.08
CA ALA C 79 30.68 37.87 74.80
C ALA C 79 30.03 37.07 73.67
N ASN C 80 28.75 36.73 73.82
CA ASN C 80 28.06 35.96 72.78
C ASN C 80 27.95 36.75 71.49
N SER C 81 27.73 38.07 71.61
CA SER C 81 27.50 38.94 70.46
C SER C 81 28.68 38.92 69.48
N SER C 82 28.40 38.54 68.24
CA SER C 82 29.40 38.61 67.19
C SER C 82 29.64 40.08 66.82
N CYS C 83 30.90 40.50 66.82
CA CYS C 83 31.24 41.87 66.49
C CYS C 83 31.06 42.08 64.99
N VAL C 84 29.94 42.70 64.61
CA VAL C 84 29.57 42.94 63.22
C VAL C 84 29.74 44.42 62.92
N ASN C 85 30.19 44.73 61.70
CA ASN C 85 30.37 46.10 61.25
C ASN C 85 29.18 46.51 60.39
N THR C 86 28.79 47.78 60.51
CA THR C 86 27.74 48.39 59.70
C THR C 86 28.26 49.70 59.12
N PRO C 87 27.72 50.12 57.97
CA PRO C 87 28.27 51.32 57.31
C PRO C 87 27.91 52.62 58.02
N GLY C 88 28.63 52.94 59.10
CA GLY C 88 28.30 54.10 59.90
C GLY C 88 28.45 53.93 61.40
N SER C 89 28.45 52.68 61.86
CA SER C 89 28.61 52.39 63.28
C SER C 89 28.97 50.92 63.43
N PHE C 90 29.36 50.54 64.65
CA PHE C 90 29.63 49.14 64.97
C PHE C 90 28.50 48.61 65.84
N SER C 91 27.90 47.51 65.41
CA SER C 91 26.77 46.90 66.08
C SER C 91 27.19 45.60 66.75
N CYS C 92 26.37 45.16 67.70
CA CYS C 92 26.57 43.88 68.38
C CYS C 92 25.32 43.05 68.12
N VAL C 93 25.50 41.88 67.51
CA VAL C 93 24.38 41.01 67.16
C VAL C 93 24.55 39.72 67.95
N CYS C 94 23.50 39.34 68.66
CA CYS C 94 23.51 38.16 69.50
C CYS C 94 22.98 36.97 68.71
N PRO C 95 23.13 35.75 69.23
CA PRO C 95 22.42 34.61 68.62
C PRO C 95 20.93 34.91 68.56
N GLU C 96 20.38 34.87 67.34
CA GLU C 96 18.99 35.27 67.11
C GLU C 96 18.02 34.52 68.02
N GLY C 97 17.40 35.25 68.94
CA GLY C 97 16.59 34.70 69.98
C GLY C 97 16.80 35.51 71.24
N PHE C 98 17.90 36.26 71.23
CA PHE C 98 18.26 37.19 72.29
C PHE C 98 18.76 38.47 71.64
N ARG C 99 18.53 39.59 72.30
CA ARG C 99 18.89 40.90 71.78
C ARG C 99 19.70 41.66 72.80
N LEU C 100 20.75 42.34 72.33
CA LEU C 100 21.66 43.06 73.22
C LEU C 100 20.96 44.30 73.78
N SER C 101 20.75 44.31 75.09
CA SER C 101 20.27 45.44 75.87
C SER C 101 21.45 46.14 76.55
N PRO C 102 21.48 47.47 76.50
CA PRO C 102 22.62 48.20 77.08
C PRO C 102 22.78 47.92 78.56
N GLY C 103 24.03 47.74 79.00
CA GLY C 103 24.34 47.42 80.37
C GLY C 103 24.12 45.97 80.75
N LEU C 104 23.40 45.20 79.93
CA LEU C 104 23.01 43.84 80.22
C LEU C 104 23.59 42.81 79.27
N GLY C 105 23.80 43.15 78.00
CA GLY C 105 24.24 42.19 77.01
C GLY C 105 23.07 41.45 76.40
N CYS C 106 23.30 40.24 75.90
CA CYS C 106 22.25 39.48 75.24
C CYS C 106 21.13 39.16 76.24
N THR C 107 19.95 39.69 75.98
CA THR C 107 18.78 39.48 76.84
C THR C 107 17.69 38.76 76.06
N ASP C 108 17.06 37.78 76.72
CA ASP C 108 16.03 36.98 76.07
C ASP C 108 14.85 37.85 75.64
N VAL C 109 14.36 37.58 74.42
CA VAL C 109 13.13 38.19 73.93
C VAL C 109 12.63 37.32 72.78
N ASP C 110 11.30 37.26 72.64
CA ASP C 110 10.73 36.61 71.47
C ASP C 110 11.11 37.38 70.20
N GLU C 111 11.45 36.62 69.15
CA GLU C 111 11.67 37.18 67.83
C GLU C 111 10.43 37.13 66.94
N CYS C 112 9.42 36.36 67.34
CA CYS C 112 8.18 36.25 66.59
C CYS C 112 7.10 37.20 67.10
N ALA C 113 7.48 38.19 67.90
CA ALA C 113 6.60 39.31 68.25
C ALA C 113 6.98 40.60 67.55
N GLU C 114 8.03 40.58 66.72
CA GLU C 114 8.45 41.74 65.97
C GLU C 114 8.31 41.48 64.49
N PRO C 115 7.60 42.34 63.75
CA PRO C 115 7.45 42.13 62.30
C PRO C 115 8.70 42.44 61.48
N GLY C 116 9.82 42.70 62.15
CA GLY C 116 11.07 42.90 61.45
C GLY C 116 12.11 41.85 61.82
N LEU C 117 11.86 41.11 62.89
CA LEU C 117 12.64 39.94 63.24
C LEU C 117 11.96 38.64 62.86
N SER C 118 10.97 38.70 61.97
CA SER C 118 10.27 37.52 61.48
C SER C 118 9.52 37.89 60.20
N HIS C 119 9.55 36.99 59.22
CA HIS C 119 8.84 37.20 57.97
C HIS C 119 8.22 35.91 57.44
N CYS C 120 7.98 34.94 58.32
CA CYS C 120 7.49 33.61 57.95
C CYS C 120 6.25 33.68 57.06
N HIS C 121 6.10 32.65 56.21
CA HIS C 121 4.98 32.53 55.30
C HIS C 121 3.65 32.67 56.04
N ALA C 122 2.62 33.15 55.32
CA ALA C 122 1.33 33.45 55.92
C ALA C 122 0.71 32.24 56.63
N LEU C 123 0.96 31.04 56.12
CA LEU C 123 0.50 29.82 56.78
C LEU C 123 1.57 29.19 57.67
N ALA C 124 2.81 29.67 57.63
CA ALA C 124 3.87 29.18 58.49
C ALA C 124 3.85 29.91 59.81
N THR C 125 3.92 29.16 60.91
CA THR C 125 4.04 29.74 62.24
C THR C 125 5.50 29.97 62.58
N CYS C 126 5.80 31.14 63.14
CA CYS C 126 7.13 31.45 63.62
C CYS C 126 7.36 30.86 65.00
N VAL C 127 8.54 30.28 65.20
CA VAL C 127 8.99 29.80 66.51
C VAL C 127 10.40 30.34 66.77
N ASN C 128 10.51 31.22 67.76
CA ASN C 128 11.83 31.70 68.16
C ASN C 128 12.60 30.57 68.84
N VAL C 129 13.82 30.30 68.35
CA VAL C 129 14.68 29.26 68.90
C VAL C 129 16.05 29.85 69.23
N VAL C 130 16.80 29.12 70.05
CA VAL C 130 18.13 29.55 70.45
C VAL C 130 19.07 29.63 69.26
N GLY C 131 19.42 30.84 68.84
CA GLY C 131 20.33 31.04 67.73
C GLY C 131 19.72 31.40 66.39
N SER C 132 18.39 31.35 66.25
CA SER C 132 17.73 31.62 64.98
C SER C 132 16.24 31.78 65.24
N TYR C 133 15.44 31.83 64.19
CA TYR C 133 14.03 31.51 64.28
C TYR C 133 13.67 30.57 63.15
N LEU C 134 12.70 29.71 63.39
CA LEU C 134 12.24 28.75 62.39
C LEU C 134 10.81 29.07 62.01
N CYS C 135 10.48 28.82 60.75
CA CYS C 135 9.13 28.91 60.23
C CYS C 135 8.59 27.50 60.05
N VAL C 136 7.42 27.22 60.63
CA VAL C 136 6.91 25.86 60.74
C VAL C 136 5.57 25.80 60.03
N CYS C 137 5.47 24.91 59.04
CA CYS C 137 4.19 24.63 58.41
C CYS C 137 3.31 23.83 59.38
N PRO C 138 1.99 24.02 59.32
CA PRO C 138 1.09 23.38 60.28
C PRO C 138 1.08 21.87 60.10
N ALA C 139 0.36 21.21 61.01
CA ALA C 139 0.25 19.76 61.00
C ALA C 139 -0.37 19.23 59.71
N GLY C 140 0.25 18.18 59.16
CA GLY C 140 0.00 17.63 57.84
C GLY C 140 0.85 18.18 56.72
N TYR C 141 1.02 19.51 56.69
CA TYR C 141 1.79 20.17 55.65
C TYR C 141 3.21 19.62 55.60
N ARG C 142 3.81 19.61 54.40
CA ARG C 142 5.17 19.13 54.21
C ARG C 142 6.01 20.23 53.58
N GLY C 143 6.64 21.05 54.43
CA GLY C 143 7.48 22.12 53.92
C GLY C 143 8.43 22.64 54.98
N ASP C 144 9.19 23.65 54.60
CA ASP C 144 10.23 24.26 55.43
C ASP C 144 9.75 25.47 56.21
N GLY C 145 8.48 25.86 56.05
CA GLY C 145 8.00 27.15 56.49
C GLY C 145 8.21 28.26 55.50
N TRP C 146 8.52 27.92 54.26
CA TRP C 146 8.54 28.85 53.14
C TRP C 146 7.60 28.41 52.03
N HIS C 147 7.53 27.10 51.74
CA HIS C 147 6.66 26.55 50.70
C HIS C 147 6.01 25.28 51.27
N CYS C 148 4.86 25.45 51.91
CA CYS C 148 4.14 24.33 52.52
C CYS C 148 3.32 23.60 51.45
N GLU C 149 3.92 22.60 50.80
CA GLU C 149 3.22 21.85 49.75
C GLU C 149 2.28 20.88 50.46
N CYS C 150 0.99 21.22 50.62
CA CYS C 150 0.17 20.26 51.33
C CYS C 150 -0.27 19.14 50.39
N SER C 151 -0.72 18.04 50.96
CA SER C 151 -1.24 16.92 50.21
C SER C 151 -2.72 16.73 50.54
N PRO C 152 -3.49 16.06 49.67
CA PRO C 152 -4.89 15.74 50.01
C PRO C 152 -5.05 15.15 51.41
N GLY C 153 -6.03 15.68 52.14
CA GLY C 153 -6.33 15.20 53.47
C GLY C 153 -5.36 15.63 54.56
N SER C 154 -4.33 16.40 54.22
CA SER C 154 -3.34 16.86 55.19
C SER C 154 -3.73 18.19 55.84
N CYS C 155 -4.90 18.72 55.51
CA CYS C 155 -5.40 19.95 56.07
C CYS C 155 -6.33 19.63 57.25
N GLY C 156 -6.66 20.67 58.00
CA GLY C 156 -7.58 20.52 59.12
C GLY C 156 -8.99 20.43 58.61
N PRO C 157 -9.94 20.14 59.51
CA PRO C 157 -11.32 19.97 59.05
C PRO C 157 -11.89 21.29 58.54
N GLY C 158 -12.74 21.18 57.51
CA GLY C 158 -13.28 22.33 56.83
C GLY C 158 -12.40 22.92 55.75
N LEU C 159 -11.16 22.43 55.60
CA LEU C 159 -10.24 22.93 54.59
C LEU C 159 -9.65 21.76 53.81
N ASP C 160 -9.31 22.02 52.56
CA ASP C 160 -8.62 21.05 51.72
C ASP C 160 -7.52 21.75 50.94
N CYS C 161 -6.48 21.00 50.61
CA CYS C 161 -5.33 21.54 49.89
C CYS C 161 -5.66 21.72 48.42
N VAL C 162 -5.67 22.97 47.96
CA VAL C 162 -5.96 23.30 46.57
C VAL C 162 -4.97 24.35 46.10
N PRO C 163 -4.69 24.40 44.80
CA PRO C 163 -3.77 25.43 44.31
C PRO C 163 -4.42 26.80 44.26
N GLU C 164 -3.60 27.81 44.51
CA GLU C 164 -4.00 29.21 44.37
C GLU C 164 -2.83 29.96 43.74
N GLY C 165 -2.93 30.23 42.44
CA GLY C 165 -1.85 30.91 41.76
C GLY C 165 -0.70 29.98 41.44
N ASP C 166 0.32 29.99 42.30
CA ASP C 166 1.50 29.15 42.12
C ASP C 166 1.90 28.42 43.40
N ALA C 167 0.97 28.23 44.34
CA ALA C 167 1.26 27.57 45.60
C ALA C 167 0.03 26.79 46.01
N LEU C 168 0.21 25.88 46.97
CA LEU C 168 -0.89 25.06 47.48
C LEU C 168 -1.28 25.51 48.89
N VAL C 169 -2.54 25.87 49.06
CA VAL C 169 -3.05 26.33 50.35
C VAL C 169 -4.27 25.52 50.74
N CYS C 170 -4.54 25.47 52.05
CA CYS C 170 -5.72 24.78 52.58
C CYS C 170 -6.93 25.69 52.45
N ALA C 171 -7.87 25.33 51.58
CA ALA C 171 -9.07 26.12 51.36
C ALA C 171 -10.29 25.20 51.43
N ASP C 172 -11.43 25.79 51.78
CA ASP C 172 -12.66 25.02 51.87
C ASP C 172 -13.08 24.59 50.46
N PRO C 173 -13.33 23.29 50.24
CA PRO C 173 -13.77 22.85 48.90
C PRO C 173 -15.03 23.53 48.40
N CYS C 174 -15.90 23.98 49.29
CA CYS C 174 -17.13 24.65 48.90
C CYS C 174 -16.88 26.03 48.28
N GLN C 175 -15.66 26.55 48.35
CA GLN C 175 -15.31 27.83 47.74
C GLN C 175 -14.18 27.70 46.73
N ALA C 176 -13.68 26.48 46.48
CA ALA C 176 -12.53 26.27 45.63
C ALA C 176 -12.78 25.21 44.56
N HIS C 177 -13.98 24.66 44.48
CA HIS C 177 -14.35 23.70 43.47
C HIS C 177 -14.64 24.37 42.13
N ARG C 178 -14.56 23.59 41.06
CA ARG C 178 -15.09 23.96 39.77
C ARG C 178 -16.51 23.42 39.64
N THR C 179 -17.17 23.76 38.53
CA THR C 179 -18.51 23.24 38.26
C THR C 179 -18.56 22.64 36.86
N LEU C 180 -19.47 21.69 36.67
CA LEU C 180 -19.65 20.99 35.42
C LEU C 180 -21.11 21.01 35.00
N ASP C 181 -21.35 21.30 33.73
CA ASP C 181 -22.70 21.39 33.18
C ASP C 181 -22.72 20.64 31.85
N GLU C 182 -22.12 19.45 31.85
CA GLU C 182 -22.11 18.58 30.68
C GLU C 182 -23.40 17.78 30.62
N TYR C 183 -24.29 18.16 29.68
CA TYR C 183 -25.56 17.45 29.52
C TYR C 183 -25.35 16.00 29.11
N TRP C 184 -24.35 15.75 28.25
CA TRP C 184 -24.03 14.40 27.78
C TRP C 184 -23.99 13.37 28.90
N ARG C 185 -23.35 13.71 30.02
CA ARG C 185 -23.20 12.85 31.20
C ARG C 185 -24.48 12.22 31.73
N SER C 186 -25.64 12.66 31.25
CA SER C 186 -26.92 12.09 31.68
C SER C 186 -26.99 10.61 31.32
N THR C 187 -27.52 9.81 32.25
CA THR C 187 -27.56 8.36 32.09
C THR C 187 -28.35 7.93 30.86
N GLU C 188 -29.50 8.57 30.60
CA GLU C 188 -30.30 8.18 29.45
C GLU C 188 -29.60 8.50 28.13
N TYR C 189 -28.72 9.51 28.11
CA TYR C 189 -27.97 9.86 26.91
C TYR C 189 -27.07 8.71 26.49
N GLY C 190 -27.35 8.09 25.34
CA GLY C 190 -26.60 6.92 24.93
C GLY C 190 -25.73 7.12 23.71
N GLU C 191 -25.91 8.25 23.02
CA GLU C 191 -25.07 8.59 21.89
C GLU C 191 -23.75 9.21 22.40
N GLY C 192 -22.83 9.46 21.48
CA GLY C 192 -21.64 10.23 21.79
C GLY C 192 -20.43 9.38 22.18
N TYR C 193 -19.34 10.11 22.43
CA TYR C 193 -18.03 9.53 22.69
C TYR C 193 -17.31 10.47 23.65
N ALA C 194 -16.77 9.92 24.74
CA ALA C 194 -16.17 10.77 25.76
C ALA C 194 -15.00 10.08 26.43
N CYS C 195 -14.29 10.87 27.25
CA CYS C 195 -13.14 10.42 28.02
C CYS C 195 -12.89 11.45 29.11
N ASP C 196 -12.91 11.01 30.38
CA ASP C 196 -12.81 11.94 31.50
C ASP C 196 -11.37 12.10 32.01
N THR C 197 -10.37 11.97 31.12
CA THR C 197 -8.98 12.11 31.53
C THR C 197 -8.64 13.53 31.97
N ASP C 198 -9.38 14.53 31.49
CA ASP C 198 -9.13 15.93 31.86
C ASP C 198 -9.43 16.20 33.32
N LEU C 199 -10.45 15.55 33.89
CA LEU C 199 -10.97 15.93 35.20
C LEU C 199 -9.97 15.63 36.31
N ARG C 200 -9.47 16.69 36.96
CA ARG C 200 -8.80 16.60 38.23
C ARG C 200 -9.24 17.79 39.07
N GLY C 201 -9.07 17.69 40.39
CA GLY C 201 -9.56 18.75 41.25
C GLY C 201 -11.00 18.50 41.66
N TRP C 202 -11.49 19.39 42.53
CA TRP C 202 -12.89 19.31 42.96
C TRP C 202 -13.82 19.83 41.87
N TYR C 203 -14.99 19.21 41.75
CA TYR C 203 -16.00 19.64 40.78
C TYR C 203 -17.38 19.62 41.43
N ARG C 204 -18.31 20.31 40.77
CA ARG C 204 -19.71 20.31 41.14
C ARG C 204 -20.54 20.09 39.88
N PHE C 205 -21.78 19.61 40.04
CA PHE C 205 -22.72 19.40 38.95
C PHE C 205 -23.98 20.22 39.18
N VAL C 206 -24.26 21.15 38.26
CA VAL C 206 -25.43 22.02 38.35
C VAL C 206 -26.16 22.03 37.02
N GLY C 207 -27.43 22.40 37.07
CA GLY C 207 -28.23 22.52 35.85
C GLY C 207 -28.62 21.18 35.26
N GLN C 208 -28.48 21.08 33.95
CA GLN C 208 -28.86 19.87 33.22
C GLN C 208 -28.01 18.67 33.63
N GLY C 209 -26.73 18.90 33.91
CA GLY C 209 -25.80 17.84 34.29
C GLY C 209 -26.14 16.99 35.49
N GLY C 210 -27.22 17.31 36.20
CA GLY C 210 -27.67 16.54 37.35
C GLY C 210 -27.20 17.15 38.66
N ALA C 211 -27.77 16.62 39.75
CA ALA C 211 -27.52 17.16 41.08
C ALA C 211 -26.48 16.39 41.87
N ARG C 212 -26.29 15.10 41.61
CA ARG C 212 -25.40 14.30 42.44
C ARG C 212 -24.93 13.08 41.65
N MET C 213 -23.82 12.51 42.11
CA MET C 213 -23.25 11.31 41.50
C MET C 213 -24.24 10.16 41.51
N ALA C 214 -24.27 9.40 40.41
CA ALA C 214 -25.18 8.27 40.29
C ALA C 214 -24.84 7.21 41.34
N GLU C 215 -25.88 6.63 41.94
CA GLU C 215 -25.71 5.71 43.06
C GLU C 215 -26.17 4.29 42.73
N THR C 216 -26.33 3.98 41.44
CA THR C 216 -26.91 2.72 41.02
C THR C 216 -26.09 2.15 39.86
N CYS C 217 -26.19 0.84 39.67
CA CYS C 217 -25.56 0.20 38.53
C CYS C 217 -26.20 0.70 37.24
N VAL C 218 -25.41 1.33 36.39
CA VAL C 218 -25.91 1.93 35.15
C VAL C 218 -25.69 0.96 34.00
N PRO C 219 -26.64 0.81 33.08
CA PRO C 219 -26.45 -0.08 31.92
C PRO C 219 -25.28 0.36 31.04
N VAL C 220 -24.89 -0.57 30.16
CA VAL C 220 -23.76 -0.34 29.25
C VAL C 220 -24.11 0.72 28.21
N LEU C 221 -23.08 1.37 27.69
CA LEU C 221 -23.17 2.41 26.66
C LEU C 221 -24.10 3.54 27.08
N ARG C 222 -24.04 3.90 28.36
CA ARG C 222 -24.81 5.03 28.88
C ARG C 222 -23.86 6.14 29.31
N CYS C 223 -24.46 7.28 29.69
CA CYS C 223 -23.74 8.47 30.15
C CYS C 223 -22.76 8.96 29.08
N ASN C 224 -23.17 8.84 27.81
CA ASN C 224 -22.39 9.12 26.61
C ASN C 224 -20.98 8.48 26.62
N THR C 225 -20.74 7.49 27.48
CA THR C 225 -19.46 6.80 27.52
C THR C 225 -19.67 5.30 27.33
N ALA C 226 -18.56 4.60 27.08
CA ALA C 226 -18.61 3.15 26.90
C ALA C 226 -18.93 2.45 28.21
N ALA C 227 -18.26 2.84 29.29
CA ALA C 227 -18.44 2.22 30.60
C ALA C 227 -18.79 3.29 31.62
N PRO C 228 -19.96 3.22 32.27
CA PRO C 228 -20.37 4.28 33.20
C PRO C 228 -19.92 4.03 34.63
N MET C 229 -19.49 5.11 35.28
CA MET C 229 -19.06 5.10 36.67
C MET C 229 -20.17 5.62 37.57
N TRP C 230 -20.27 5.06 38.78
CA TRP C 230 -21.32 5.46 39.71
C TRP C 230 -20.80 5.37 41.14
N LEU C 231 -21.50 6.05 42.04
CA LEU C 231 -21.10 6.15 43.44
C LEU C 231 -21.57 4.92 44.21
N ASN C 232 -20.63 4.27 44.89
CA ASN C 232 -20.92 3.08 45.69
C ASN C 232 -21.20 3.47 47.14
N GLY C 233 -22.33 4.11 47.34
CA GLY C 233 -22.75 4.53 48.66
C GLY C 233 -23.84 5.58 48.58
N THR C 234 -24.15 6.14 49.75
CA THR C 234 -25.13 7.22 49.87
C THR C 234 -24.44 8.48 50.36
N HIS C 235 -24.73 9.60 49.70
CA HIS C 235 -24.16 10.90 50.05
C HIS C 235 -24.28 11.18 51.55
N PRO C 236 -23.29 11.81 52.16
CA PRO C 236 -23.38 12.14 53.59
C PRO C 236 -24.35 13.28 53.86
N SER C 237 -24.66 13.46 55.14
CA SER C 237 -25.50 14.56 55.59
C SER C 237 -24.86 15.91 55.29
N SER C 238 -25.70 16.93 55.17
CA SER C 238 -25.24 18.29 54.88
C SER C 238 -24.23 18.77 55.92
N ASP C 239 -23.17 19.41 55.43
CA ASP C 239 -22.07 19.98 56.21
C ASP C 239 -21.24 18.92 56.93
N GLU C 240 -21.32 17.67 56.51
CA GLU C 240 -20.29 16.69 56.86
C GLU C 240 -19.03 16.95 56.05
N GLY C 241 -17.88 16.92 56.73
CA GLY C 241 -16.59 17.16 56.13
C GLY C 241 -16.21 16.21 54.99
N ILE C 242 -14.97 16.30 54.52
CA ILE C 242 -14.53 15.43 53.42
C ILE C 242 -14.53 13.99 53.89
N VAL C 243 -15.31 13.15 53.22
CA VAL C 243 -15.41 11.73 53.51
C VAL C 243 -15.10 10.95 52.24
N SER C 244 -14.44 9.81 52.39
CA SER C 244 -14.10 8.96 51.26
C SER C 244 -15.24 7.99 50.98
N ARG C 245 -15.49 7.74 49.70
CA ARG C 245 -16.56 6.85 49.28
C ARG C 245 -16.05 5.91 48.20
N LYS C 246 -16.62 4.72 48.16
CA LYS C 246 -16.26 3.76 47.14
C LYS C 246 -16.88 4.15 45.80
N ALA C 247 -16.16 3.81 44.72
CA ALA C 247 -16.61 4.11 43.37
C ALA C 247 -16.59 2.83 42.53
N CYS C 248 -17.61 2.67 41.69
CA CYS C 248 -17.77 1.47 40.88
C CYS C 248 -18.01 1.86 39.43
N ALA C 249 -17.65 0.95 38.52
CA ALA C 249 -17.89 1.12 37.10
C ALA C 249 -18.44 -0.19 36.54
N HIS C 250 -19.26 -0.08 35.49
CA HIS C 250 -19.93 -1.24 34.91
C HIS C 250 -19.40 -1.54 33.53
N TRP C 251 -19.10 -2.82 33.28
CA TRP C 251 -18.68 -3.28 31.96
C TRP C 251 -19.14 -4.73 31.79
N SER C 252 -19.21 -5.16 30.54
CA SER C 252 -19.68 -6.50 30.16
C SER C 252 -20.99 -6.85 30.85
N GLY C 253 -20.96 -7.85 31.73
CA GLY C 253 -22.16 -8.18 32.48
C GLY C 253 -21.99 -7.98 33.97
N HIS C 254 -20.72 -7.95 34.42
CA HIS C 254 -20.42 -7.82 35.83
C HIS C 254 -20.41 -6.34 36.21
N CYS C 255 -21.21 -5.96 37.20
CA CYS C 255 -21.25 -4.58 37.67
C CYS C 255 -20.33 -4.42 38.88
N CYS C 256 -19.58 -3.33 38.89
CA CYS C 256 -18.62 -3.00 39.94
C CYS C 256 -17.62 -4.15 40.15
N LEU C 257 -17.02 -4.61 39.05
CA LEU C 257 -15.99 -5.63 39.17
C LEU C 257 -14.73 -5.06 39.81
N TRP C 258 -14.34 -3.85 39.43
CA TRP C 258 -13.20 -3.16 40.03
C TRP C 258 -13.72 -2.00 40.88
N ASP C 259 -13.14 -1.84 42.06
CA ASP C 259 -13.58 -0.84 43.03
C ASP C 259 -12.51 0.22 43.26
N ALA C 260 -12.90 1.49 43.11
CA ALA C 260 -12.04 2.63 43.36
C ALA C 260 -12.39 3.28 44.70
N SER C 261 -11.94 4.52 44.91
CA SER C 261 -12.22 5.25 46.14
C SER C 261 -12.24 6.74 45.82
N VAL C 262 -13.43 7.34 45.80
CA VAL C 262 -13.59 8.77 45.57
C VAL C 262 -13.90 9.46 46.89
N GLN C 263 -13.72 10.78 46.93
CA GLN C 263 -14.04 11.58 48.09
C GLN C 263 -15.10 12.61 47.75
N VAL C 264 -15.98 12.88 48.72
CA VAL C 264 -17.18 13.69 48.55
C VAL C 264 -17.36 14.53 49.81
N LYS C 265 -17.81 15.77 49.63
CA LYS C 265 -18.11 16.64 50.77
C LYS C 265 -19.42 17.35 50.52
N ALA C 266 -20.24 17.45 51.56
CA ALA C 266 -21.46 18.24 51.51
C ALA C 266 -21.18 19.70 51.82
N CYS C 267 -21.88 20.58 51.12
CA CYS C 267 -21.77 22.02 51.32
C CYS C 267 -23.12 22.62 51.67
N ALA C 268 -23.09 23.71 52.44
CA ALA C 268 -24.30 24.44 52.79
C ALA C 268 -24.98 24.98 51.54
N GLY C 269 -26.31 24.97 51.53
CA GLY C 269 -27.07 25.15 50.33
C GLY C 269 -27.57 23.87 49.70
N GLY C 270 -27.25 22.71 50.27
CA GLY C 270 -27.84 21.46 49.86
C GLY C 270 -27.18 20.75 48.72
N TYR C 271 -25.95 21.10 48.36
CA TYR C 271 -25.28 20.50 47.23
C TYR C 271 -24.00 19.81 47.71
N TYR C 272 -23.42 19.01 46.82
CA TYR C 272 -22.21 18.26 47.11
C TYR C 272 -21.10 18.63 46.14
N VAL C 273 -19.87 18.40 46.58
CA VAL C 273 -18.69 18.56 45.74
C VAL C 273 -17.89 17.26 45.80
N TYR C 274 -17.18 16.95 44.72
CA TYR C 274 -16.57 15.65 44.53
C TYR C 274 -15.14 15.80 44.01
N ASN C 275 -14.30 14.81 44.33
CA ASN C 275 -12.95 14.73 43.77
C ASN C 275 -12.99 13.85 42.52
N LEU C 276 -13.20 14.47 41.36
CA LEU C 276 -13.26 13.71 40.13
C LEU C 276 -11.85 13.70 39.52
N THR C 277 -11.15 12.59 39.71
CA THR C 277 -9.82 12.37 39.19
C THR C 277 -9.94 11.61 37.87
N ALA C 278 -8.91 11.72 37.03
CA ALA C 278 -8.94 11.00 35.77
C ALA C 278 -9.05 9.50 36.06
N PRO C 279 -9.84 8.76 35.28
CA PRO C 279 -9.95 7.32 35.51
C PRO C 279 -8.70 6.59 35.05
N PRO C 280 -8.68 5.25 35.18
CA PRO C 280 -7.51 4.50 34.69
C PRO C 280 -7.54 4.23 33.20
N GLU C 281 -8.70 4.44 32.55
CA GLU C 281 -8.82 4.22 31.11
C GLU C 281 -9.35 5.48 30.43
N CYS C 282 -9.73 5.38 29.15
CA CYS C 282 -10.30 6.51 28.43
C CYS C 282 -11.75 6.27 28.02
N HIS C 283 -12.43 5.31 28.64
CA HIS C 283 -13.84 5.08 28.36
C HIS C 283 -14.67 5.02 29.65
N LEU C 284 -14.21 5.72 30.69
CA LEU C 284 -14.88 5.75 31.99
C LEU C 284 -15.34 7.17 32.30
N ALA C 285 -16.59 7.31 32.69
CA ALA C 285 -17.13 8.62 32.99
C ALA C 285 -18.20 8.50 34.08
N TYR C 286 -18.19 9.46 34.99
CA TYR C 286 -19.17 9.50 36.07
C TYR C 286 -20.53 9.93 35.55
N CYS C 287 -21.58 9.48 36.22
CA CYS C 287 -22.94 9.82 35.80
C CYS C 287 -23.64 10.59 36.90
N THR C 288 -24.80 11.16 36.55
CA THR C 288 -25.70 11.79 37.51
C THR C 288 -27.12 11.36 37.23
N ASP C 289 -27.94 11.34 38.28
CA ASP C 289 -29.35 11.03 38.16
C ASP C 289 -30.11 12.29 37.77
N PRO C 290 -31.39 12.19 37.38
CA PRO C 290 -32.15 13.40 37.05
C PRO C 290 -32.34 14.28 38.28
N SER C 291 -32.22 15.60 38.07
CA SER C 291 -32.39 16.55 39.16
C SER C 291 -33.79 16.46 39.77
N SER C 292 -34.82 16.36 38.93
CA SER C 292 -36.22 16.23 39.36
C SER C 292 -36.63 17.28 40.40
N VAL C 293 -36.00 18.46 40.35
CA VAL C 293 -36.26 19.59 41.26
C VAL C 293 -37.75 19.92 41.44
N GLU C 294 -38.60 19.43 40.56
CA GLU C 294 -40.04 19.63 40.63
C GLU C 294 -40.68 18.35 41.17
N GLY C 295 -41.58 18.51 42.14
CA GLY C 295 -42.24 17.35 42.74
C GLY C 295 -42.89 16.44 41.72
N THR C 296 -43.67 17.02 40.81
CA THR C 296 -44.27 16.29 39.72
C THR C 296 -43.45 16.54 38.46
N CYS C 297 -43.14 15.48 37.72
CA CYS C 297 -42.29 15.60 36.53
C CYS C 297 -43.13 16.04 35.34
N GLU C 298 -43.46 17.35 35.34
CA GLU C 298 -44.26 17.91 34.26
C GLU C 298 -43.49 17.94 32.96
N GLU C 299 -42.15 17.94 33.02
CA GLU C 299 -41.33 17.91 31.81
C GLU C 299 -41.59 16.65 31.02
N CYS C 300 -41.79 15.53 31.72
CA CYS C 300 -42.09 14.26 31.07
C CYS C 300 -43.46 14.35 30.39
N SER C 301 -43.56 13.70 29.23
CA SER C 301 -44.78 13.71 28.42
C SER C 301 -46.01 13.28 29.21
N ILE C 302 -47.16 13.80 28.79
CA ILE C 302 -48.45 13.44 29.38
C ILE C 302 -48.83 11.99 29.13
N ASP C 303 -48.13 11.30 28.24
CA ASP C 303 -48.38 9.90 27.92
C ASP C 303 -47.38 8.98 28.60
N GLU C 304 -46.53 9.54 29.46
CA GLU C 304 -45.51 8.79 30.21
C GLU C 304 -45.83 9.21 31.65
N ASP C 305 -46.82 8.53 32.24
CA ASP C 305 -47.34 8.78 33.58
C ASP C 305 -46.22 8.97 34.62
N CYS C 306 -46.22 10.13 35.26
CA CYS C 306 -45.21 10.44 36.25
C CYS C 306 -45.42 9.63 37.52
N LYS C 307 -44.33 9.13 38.09
CA LYS C 307 -44.36 8.36 39.32
C LYS C 307 -43.93 9.29 40.45
N SER C 308 -44.91 9.75 41.24
CA SER C 308 -44.65 10.67 42.34
C SER C 308 -44.51 9.85 43.62
N ASN C 309 -43.31 9.31 43.82
CA ASN C 309 -42.99 8.49 44.97
C ASN C 309 -41.83 9.12 45.73
N ASN C 310 -41.81 8.92 47.04
CA ASN C 310 -40.74 9.45 47.87
C ASN C 310 -39.42 8.79 47.50
N GLY C 311 -38.46 9.59 47.05
CA GLY C 311 -37.16 9.10 46.65
C GLY C 311 -37.11 8.35 45.33
N ARG C 312 -38.24 8.17 44.65
CA ARG C 312 -38.31 7.44 43.37
C ARG C 312 -39.02 8.32 42.37
N TRP C 313 -38.29 9.27 41.78
CA TRP C 313 -38.84 10.19 40.79
C TRP C 313 -38.48 9.74 39.37
N HIS C 314 -39.49 9.41 38.58
CA HIS C 314 -39.33 9.01 37.18
C HIS C 314 -40.71 9.06 36.53
N CYS C 315 -40.83 8.50 35.34
CA CYS C 315 -42.11 8.45 34.63
C CYS C 315 -42.08 7.28 33.65
N GLN C 316 -43.19 6.54 33.61
CA GLN C 316 -43.25 5.40 32.71
C GLN C 316 -44.70 5.23 32.26
N CYS C 317 -44.90 4.45 31.19
CA CYS C 317 -46.22 4.23 30.62
C CYS C 317 -46.98 3.20 31.43
N LYS C 318 -48.31 3.23 31.29
CA LYS C 318 -49.19 2.28 31.96
C LYS C 318 -49.14 0.94 31.22
N GLN C 319 -50.02 0.01 31.63
CA GLN C 319 -50.02 -1.34 31.06
C GLN C 319 -50.32 -1.36 29.56
N ASP C 320 -51.03 -0.34 29.05
CA ASP C 320 -51.42 -0.32 27.63
C ASP C 320 -50.21 -0.52 26.71
N PHE C 321 -49.05 0.00 27.10
CA PHE C 321 -47.84 -0.06 26.29
C PHE C 321 -46.82 -1.01 26.93
N ASN C 322 -47.29 -2.13 27.46
CA ASN C 322 -46.44 -3.14 28.06
C ASN C 322 -46.60 -4.45 27.30
N ILE C 323 -46.67 -4.35 25.97
CA ILE C 323 -46.89 -5.52 25.11
C ILE C 323 -46.20 -5.29 23.77
N THR C 324 -45.68 -6.37 23.19
CA THR C 324 -44.67 -6.30 22.13
C THR C 324 -45.31 -6.29 20.74
N ASP C 325 -46.10 -7.31 20.44
CA ASP C 325 -46.64 -7.52 19.09
C ASP C 325 -47.54 -6.37 18.65
N ILE C 326 -48.50 -5.98 19.50
CA ILE C 326 -49.42 -4.90 19.14
C ILE C 326 -48.65 -3.59 18.96
N SER C 327 -47.60 -3.39 19.75
CA SER C 327 -46.72 -2.25 19.54
C SER C 327 -46.04 -2.30 18.17
N LEU C 328 -45.58 -3.49 17.76
CA LEU C 328 -45.08 -3.67 16.40
C LEU C 328 -46.13 -3.36 15.34
N LEU C 329 -47.41 -3.65 15.62
CA LEU C 329 -48.48 -3.21 14.71
C LEU C 329 -48.93 -1.78 14.92
N GLU C 330 -48.48 -1.10 15.97
CA GLU C 330 -48.94 0.25 16.27
C GLU C 330 -48.16 1.27 15.46
N HIS C 331 -48.86 2.29 14.96
CA HIS C 331 -48.29 3.41 14.21
C HIS C 331 -49.36 4.44 13.87
N ARG C 332 -48.96 5.56 13.28
CA ARG C 332 -49.89 6.56 12.75
C ARG C 332 -49.21 7.33 11.63
N LEU C 333 -50.02 7.81 10.69
CA LEU C 333 -49.53 8.48 9.49
C LEU C 333 -50.30 9.77 9.27
N GLU C 334 -49.65 10.75 8.63
CA GLU C 334 -50.27 12.03 8.31
C GLU C 334 -49.79 12.51 6.95
N CYS C 335 -50.72 12.72 6.02
CA CYS C 335 -50.42 13.25 4.69
C CYS C 335 -50.69 14.74 4.66
N GLY C 336 -49.64 15.53 4.42
CA GLY C 336 -49.76 16.97 4.35
C GLY C 336 -49.82 17.46 2.91
N ALA C 337 -50.11 18.76 2.77
CA ALA C 337 -50.21 19.36 1.45
C ALA C 337 -48.90 19.31 0.69
N ASN C 338 -47.78 19.60 1.36
CA ASN C 338 -46.48 19.61 0.70
C ASN C 338 -45.47 18.65 1.32
N ASP C 339 -45.82 17.95 2.38
CA ASP C 339 -44.89 17.07 3.06
C ASP C 339 -45.64 15.85 3.58
N MET C 340 -44.91 14.75 3.78
CA MET C 340 -45.50 13.52 4.30
C MET C 340 -44.76 13.14 5.58
N LYS C 341 -45.52 12.72 6.58
CA LYS C 341 -44.98 12.39 7.89
C LYS C 341 -45.47 11.02 8.33
N VAL C 342 -44.58 10.24 8.91
CA VAL C 342 -44.90 8.98 9.57
C VAL C 342 -44.27 9.01 10.94
N SER C 343 -44.98 8.51 11.95
CA SER C 343 -44.49 8.59 13.32
C SER C 343 -44.93 7.36 14.11
N LEU C 344 -44.12 7.03 15.12
CA LEU C 344 -44.42 5.95 16.04
C LEU C 344 -44.19 6.44 17.46
N GLY C 345 -44.90 5.83 18.41
CA GLY C 345 -44.78 6.22 19.80
C GLY C 345 -43.43 5.81 20.37
N LYS C 346 -42.71 6.79 20.93
CA LYS C 346 -41.40 6.52 21.53
C LYS C 346 -41.51 5.53 22.68
N CYS C 347 -42.61 5.58 23.44
CA CYS C 347 -42.81 4.62 24.53
C CYS C 347 -42.86 3.20 23.99
N GLN C 348 -43.59 3.00 22.88
CA GLN C 348 -43.66 1.69 22.23
C GLN C 348 -42.29 1.20 21.81
N LEU C 349 -41.48 2.09 21.23
CA LEU C 349 -40.12 1.73 20.82
C LEU C 349 -39.28 1.33 22.03
N LYS C 350 -39.40 2.08 23.13
CA LYS C 350 -38.68 1.74 24.36
C LYS C 350 -39.13 0.38 24.90
N SER C 351 -40.43 0.10 24.83
CA SER C 351 -40.95 -1.18 25.29
C SER C 351 -40.46 -2.33 24.41
N LEU C 352 -40.27 -2.07 23.12
CA LEU C 352 -39.75 -3.07 22.19
C LEU C 352 -38.23 -3.23 22.30
N GLY C 353 -37.61 -2.56 23.28
CA GLY C 353 -36.18 -2.63 23.50
C GLY C 353 -35.36 -1.62 22.73
N PHE C 354 -35.99 -0.87 21.83
CA PHE C 354 -35.29 0.17 21.06
C PHE C 354 -35.34 1.47 21.86
N ASP C 355 -34.46 1.55 22.87
CA ASP C 355 -34.36 2.76 23.67
C ASP C 355 -33.92 3.94 22.80
N LYS C 356 -32.96 3.71 21.91
CA LYS C 356 -32.61 4.68 20.89
C LYS C 356 -33.19 4.25 19.55
N VAL C 357 -33.78 5.20 18.83
CA VAL C 357 -34.49 4.94 17.59
C VAL C 357 -33.71 5.54 16.42
N PHE C 358 -33.47 4.72 15.40
CA PHE C 358 -32.77 5.14 14.18
C PHE C 358 -33.75 4.99 13.03
N MET C 359 -34.17 6.11 12.46
CA MET C 359 -35.10 6.14 11.34
C MET C 359 -34.37 6.61 10.09
N TYR C 360 -34.39 5.79 9.05
CA TYR C 360 -33.75 6.13 7.78
C TYR C 360 -34.71 5.84 6.64
N LEU C 361 -34.50 6.53 5.53
CA LEU C 361 -35.31 6.38 4.33
C LEU C 361 -34.45 5.88 3.17
N SER C 362 -35.05 5.86 1.98
CA SER C 362 -34.35 5.46 0.76
C SER C 362 -33.16 6.37 0.44
N ASP C 363 -33.17 7.61 0.95
CA ASP C 363 -32.05 8.52 0.82
C ASP C 363 -31.56 8.84 2.23
N SER C 364 -30.27 8.61 2.48
CA SER C 364 -29.73 8.73 3.83
C SER C 364 -29.63 10.18 4.29
N ARG C 365 -29.72 11.15 3.38
CA ARG C 365 -29.70 12.55 3.79
C ARG C 365 -30.89 12.90 4.69
N CYS C 366 -32.00 12.19 4.53
CA CYS C 366 -33.12 12.36 5.45
C CYS C 366 -32.92 11.50 6.70
N SER C 367 -33.04 12.14 7.86
CA SER C 367 -32.83 11.49 9.14
C SER C 367 -33.96 11.86 10.09
N GLY C 368 -34.30 10.93 10.97
CA GLY C 368 -35.35 11.17 11.93
C GLY C 368 -34.94 12.16 13.01
N PHE C 369 -35.95 12.70 13.68
CA PHE C 369 -35.73 13.67 14.75
C PHE C 369 -37.01 13.76 15.58
N ASN C 370 -36.90 14.46 16.71
CA ASN C 370 -38.01 14.53 17.66
C ASN C 370 -39.18 15.30 17.07
N ASP C 371 -40.38 14.98 17.58
CA ASP C 371 -41.61 15.58 17.06
C ASP C 371 -41.63 17.08 17.29
N ARG C 372 -41.24 17.53 18.48
CA ARG C 372 -41.14 18.92 18.93
C ARG C 372 -42.50 19.61 19.05
N ASP C 373 -43.59 18.90 18.81
CA ASP C 373 -44.94 19.38 19.08
C ASP C 373 -45.62 18.58 20.18
N ASN C 374 -45.71 17.26 20.02
CA ASN C 374 -46.08 16.35 21.08
C ASN C 374 -44.93 15.37 21.28
N ARG C 375 -44.27 15.45 22.43
CA ARG C 375 -42.99 14.80 22.64
C ARG C 375 -43.07 13.27 22.60
N ASP C 376 -44.27 12.70 22.71
CA ASP C 376 -44.41 11.24 22.69
C ASP C 376 -43.95 10.66 21.35
N TRP C 377 -44.30 11.31 20.25
CA TRP C 377 -44.00 10.75 18.95
C TRP C 377 -42.57 11.08 18.52
N VAL C 378 -42.05 10.27 17.59
CA VAL C 378 -40.84 10.59 16.83
C VAL C 378 -41.17 10.43 15.35
N SER C 379 -40.77 11.40 14.54
CA SER C 379 -41.27 11.50 13.17
C SER C 379 -40.18 12.02 12.24
N VAL C 380 -40.40 11.80 10.95
CA VAL C 380 -39.51 12.27 9.89
C VAL C 380 -40.39 12.92 8.83
N VAL C 381 -39.78 13.79 8.03
CA VAL C 381 -40.50 14.57 7.02
C VAL C 381 -39.92 14.24 5.65
N THR C 382 -40.77 14.35 4.61
CA THR C 382 -40.37 14.13 3.22
C THR C 382 -41.08 15.15 2.33
N PRO C 383 -40.35 15.97 1.57
CA PRO C 383 -40.99 16.87 0.61
C PRO C 383 -41.74 16.08 -0.45
N ALA C 384 -42.90 16.62 -0.85
CA ALA C 384 -43.79 15.92 -1.79
C ALA C 384 -43.39 16.24 -3.22
N ARG C 385 -42.21 15.75 -3.61
CA ARG C 385 -41.69 15.89 -4.96
C ARG C 385 -40.90 14.63 -5.30
N ASP C 386 -40.42 14.57 -6.54
CA ASP C 386 -39.62 13.43 -7.01
C ASP C 386 -38.17 13.88 -7.09
N GLY C 387 -37.29 13.15 -6.42
CA GLY C 387 -35.88 13.43 -6.42
C GLY C 387 -35.26 13.77 -5.06
N PRO C 388 -35.89 14.64 -4.25
CA PRO C 388 -35.35 14.86 -2.91
C PRO C 388 -35.96 13.90 -1.90
N CYS C 389 -35.09 13.40 -1.00
CA CYS C 389 -35.43 12.47 0.06
C CYS C 389 -35.89 11.11 -0.45
N GLY C 390 -35.61 10.82 -1.73
CA GLY C 390 -35.88 9.52 -2.32
C GLY C 390 -37.32 9.26 -2.70
N THR C 391 -38.20 10.25 -2.62
CA THR C 391 -39.60 10.03 -2.94
C THR C 391 -39.78 9.88 -4.45
N VAL C 392 -40.73 9.04 -4.85
CA VAL C 392 -41.03 8.77 -6.25
C VAL C 392 -42.47 9.20 -6.53
N LEU C 393 -42.83 9.19 -7.82
CA LEU C 393 -44.16 9.59 -8.27
C LEU C 393 -44.79 8.41 -9.01
N THR C 394 -45.83 7.83 -8.42
CA THR C 394 -46.63 6.79 -9.07
C THR C 394 -47.93 7.41 -9.55
N ARG C 395 -48.16 7.36 -10.86
CA ARG C 395 -49.27 8.08 -11.48
C ARG C 395 -50.11 7.11 -12.30
N ASN C 396 -51.43 7.25 -12.18
CA ASN C 396 -52.38 6.63 -13.09
C ASN C 396 -53.47 7.65 -13.41
N GLU C 397 -54.37 7.26 -14.32
CA GLU C 397 -55.37 8.18 -14.86
C GLU C 397 -56.22 8.83 -13.77
N THR C 398 -56.57 8.09 -12.71
CA THR C 398 -57.45 8.63 -11.69
C THR C 398 -56.79 9.75 -10.90
N HIS C 399 -55.69 9.45 -10.22
CA HIS C 399 -54.99 10.44 -9.42
C HIS C 399 -53.58 9.94 -9.09
N ALA C 400 -52.67 10.87 -8.87
CA ALA C 400 -51.28 10.52 -8.61
C ALA C 400 -51.12 9.95 -7.20
N THR C 401 -49.94 9.37 -6.95
CA THR C 401 -49.63 8.79 -5.66
C THR C 401 -48.13 8.89 -5.42
N TYR C 402 -47.75 9.07 -4.16
CA TYR C 402 -46.35 9.13 -3.76
C TYR C 402 -46.08 7.97 -2.80
N SER C 403 -44.98 7.26 -3.03
CA SER C 403 -44.61 6.09 -2.25
C SER C 403 -43.18 6.23 -1.77
N ASN C 404 -42.95 5.84 -0.51
CA ASN C 404 -41.59 5.81 0.04
C ASN C 404 -41.57 4.82 1.19
N THR C 405 -40.35 4.42 1.55
CA THR C 405 -40.12 3.36 2.51
C THR C 405 -39.44 3.94 3.75
N LEU C 406 -39.81 3.43 4.93
CA LEU C 406 -39.20 3.81 6.19
C LEU C 406 -38.42 2.64 6.75
N TYR C 407 -37.18 2.88 7.16
CA TYR C 407 -36.31 1.85 7.71
C TYR C 407 -36.14 2.08 9.20
N LEU C 408 -36.26 1.01 9.98
CA LEU C 408 -36.18 1.06 11.43
C LEU C 408 -35.07 0.13 11.91
N ALA C 409 -34.30 0.60 12.89
CA ALA C 409 -33.24 -0.21 13.50
C ALA C 409 -32.87 0.40 14.83
N ASP C 410 -32.21 -0.40 15.66
CA ASP C 410 -31.72 0.06 16.95
C ASP C 410 -30.35 0.72 16.84
N GLU C 411 -29.56 0.34 15.83
CA GLU C 411 -28.21 0.87 15.64
C GLU C 411 -27.95 0.96 14.14
N ILE C 412 -26.71 1.33 13.78
CA ILE C 412 -26.32 1.43 12.38
C ILE C 412 -26.44 0.08 11.69
N ILE C 413 -25.99 -0.98 12.34
CA ILE C 413 -26.00 -2.32 11.76
C ILE C 413 -27.31 -3.01 12.13
N ILE C 414 -27.68 -4.00 11.31
CA ILE C 414 -28.84 -4.83 11.54
C ILE C 414 -28.38 -6.27 11.71
N ARG C 415 -28.84 -6.92 12.78
CA ARG C 415 -28.39 -8.27 13.11
C ARG C 415 -29.43 -9.34 12.86
N ASP C 416 -30.66 -9.16 13.36
CA ASP C 416 -31.66 -10.23 13.33
C ASP C 416 -32.82 -9.90 12.39
N LEU C 417 -33.51 -8.79 12.60
CA LEU C 417 -34.69 -8.45 11.82
C LEU C 417 -34.52 -7.07 11.20
N ASN C 418 -34.91 -6.95 9.94
CA ASN C 418 -34.85 -5.69 9.19
C ASN C 418 -36.27 -5.38 8.72
N ILE C 419 -37.01 -4.63 9.54
CA ILE C 419 -38.38 -4.25 9.23
C ILE C 419 -38.36 -2.93 8.48
N LYS C 420 -38.92 -2.92 7.28
CA LYS C 420 -39.06 -1.71 6.48
C LYS C 420 -40.54 -1.37 6.31
N ILE C 421 -40.90 -0.14 6.68
CA ILE C 421 -42.28 0.32 6.65
C ILE C 421 -42.56 0.93 5.29
N ASN C 422 -43.44 0.29 4.52
CA ASN C 422 -43.87 0.80 3.23
C ASN C 422 -45.12 1.66 3.42
N PHE C 423 -45.02 2.95 3.12
CA PHE C 423 -46.12 3.88 3.29
C PHE C 423 -46.34 4.66 2.00
N ALA C 424 -47.55 5.17 1.82
CA ALA C 424 -47.88 5.94 0.64
C ALA C 424 -49.04 6.89 0.95
N CYS C 425 -49.02 8.05 0.32
CA CYS C 425 -50.09 9.03 0.41
C CYS C 425 -50.78 9.17 -0.94
N SER C 426 -52.10 9.24 -0.92
CA SER C 426 -52.92 9.40 -2.12
C SER C 426 -53.45 10.82 -2.17
N TYR C 427 -53.11 11.54 -3.25
CA TYR C 427 -53.56 12.91 -3.45
C TYR C 427 -54.58 12.96 -4.58
N PRO C 428 -55.83 13.32 -4.31
CA PRO C 428 -56.84 13.39 -5.37
C PRO C 428 -56.45 14.38 -6.47
N LEU C 429 -56.74 14.00 -7.71
CA LEU C 429 -56.42 14.82 -8.86
C LEU C 429 -57.58 15.69 -9.31
N ASP C 430 -58.80 15.40 -8.86
CA ASP C 430 -59.97 16.22 -9.13
C ASP C 430 -60.62 16.58 -7.79
N MET C 431 -60.91 17.86 -7.59
CA MET C 431 -61.46 18.31 -6.32
C MET C 431 -62.33 19.53 -6.54
N LYS C 432 -63.22 19.78 -5.57
CA LYS C 432 -64.14 20.91 -5.63
C LYS C 432 -63.49 22.12 -4.98
N VAL C 433 -63.59 23.28 -5.65
CA VAL C 433 -63.09 24.54 -5.11
C VAL C 433 -64.19 25.58 -5.26
N SER C 434 -64.37 26.40 -4.23
CA SER C 434 -65.42 27.43 -4.20
C SER C 434 -64.82 28.77 -3.82
N LEU C 435 -65.16 29.80 -4.59
CA LEU C 435 -64.76 31.16 -4.26
C LEU C 435 -65.63 31.66 -3.11
N LYS C 436 -65.00 32.06 -2.01
CA LYS C 436 -65.73 32.35 -0.79
C LYS C 436 -66.49 33.68 -0.85
N THR C 437 -65.88 34.71 -1.42
CA THR C 437 -66.45 36.05 -1.39
C THR C 437 -67.59 36.15 -2.40
N ALA C 438 -68.81 36.35 -1.92
CA ALA C 438 -69.95 36.52 -2.80
C ALA C 438 -69.95 37.92 -3.41
N LEU C 439 -70.83 38.12 -4.39
CA LEU C 439 -70.90 39.36 -5.14
C LEU C 439 -72.31 39.94 -5.05
N GLN C 440 -72.38 41.27 -5.14
CA GLN C 440 -73.66 41.99 -5.05
C GLN C 440 -73.71 43.01 -6.18
N PRO C 441 -74.01 42.57 -7.41
CA PRO C 441 -74.00 43.50 -8.55
C PRO C 441 -75.12 44.52 -8.46
N MET C 442 -74.91 45.64 -9.15
CA MET C 442 -75.87 46.73 -9.22
C MET C 442 -76.40 46.85 -10.65
N VAL C 443 -77.72 46.94 -10.79
CA VAL C 443 -78.37 47.06 -12.08
C VAL C 443 -79.41 48.18 -12.03
N SER C 444 -79.56 48.87 -13.16
CA SER C 444 -80.57 49.92 -13.29
C SER C 444 -81.89 49.29 -13.71
#